data_8F7W
#
_entry.id   8F7W
#
_cell.length_a   1.00
_cell.length_b   1.00
_cell.length_c   1.00
_cell.angle_alpha   90.00
_cell.angle_beta   90.00
_cell.angle_gamma   90.00
#
_symmetry.space_group_name_H-M   'P 1'
#
loop_
_entity.id
_entity.type
_entity.pdbx_description
1 polymer 'Kappa-type opioid receptor'
2 polymer Dynorphin
3 polymer 'Guanine nucleotide-binding protein G(i) subunit alpha-1'
4 polymer 'Guanine nucleotide-binding protein G(I)/G(S)/G(T) subunit beta-1'
5 polymer 'Guanine nucleotide-binding protein G(I)/G(S)/G(O) subunit gamma-2'
6 polymer scFv16
7 non-polymer CHOLESTEROL
8 non-polymer 'PALMITIC ACID'
#
loop_
_entity_poly.entity_id
_entity_poly.type
_entity_poly.pdbx_seq_one_letter_code
_entity_poly.pdbx_strand_id
1 'polypeptide(L)'
;SPIQIFRGEPGPTCAPSACLPPNSSAWFPGWAEPDSNGSAGSEDAQLEPAHISPAIPVIITAVYSVVFVVGLVGNSLVMF
VIIRYTKMKTATNIYIFNLALADALVTTTMPFQSTVYLMNSWPFGDVLCKIVISIDYYNMFTSIFTLTMMSVDRYIAVCH
PVKALDFRTPLKAKIINICIWLLSSSVGISAIVLGGTKVREDVDVIECSLQFPDDDYSWWDLFMKICVFIFAFVIPVLII
IVCYTLMILRLKSVRLLSGSREKDRNLRRITRLVLVVVAVFVVCWTPIHIFILVEALGSTSHSTAALSSYYFCIALGYTN
SSLNPILYAFLDENFKRCFRDFCFPLKMRMERQSTSRVRNTVQDPAYLRDIDGMNKPV
;
R
2 'polypeptide(L)' YGGFLRRI P
3 'polypeptide(L)'
;MGCTLSAEDKAAVERSKMIDRNLREDGEKAAREVKLLLLGAGESGKSTIVKQMKIIHEAGYSEEECKQYKAVVYSNTIQS
IIAIIRAMGRLKIDFGDSARADDARQLFVLAGAAEEGFMTAELAGVIKRLWKDSGVQACFNRSREYQLNDSAAYYLNDLD
RIAQPNYIPTQQDVLRTRVKTTGIVETHFTFKDLHFKMFDVGAQRSERKKWIHCFEGVTAIIFCVALSDYDLVLAEDEEM
NRMHESMKLFDSICNNKWFTDTSIILFLNKKDLFEEKIKKSPLTICYPEYAGSNTYEEAAAYIQCQFEDLNKRKDTKEIY
THFTCSTDTKNVQFVFDAVTDVIIKNNLKDCGLF
;
A
4 'polypeptide(L)'
;MHHHHHHHHGSLLQSELDQLRQEAEQLKNQIRDARKACADATLSQITNNIDPVGRIQMRTRRTLRGHLAKIYAMHWGTDS
RLLVSASQDGKLIIWDSYTTNKVHAIPLRSSWVMTCAYAPSGNYVACGGLDNICSIYNLKTREGNVRVSRELAGHTGYLS
CCRFLDDNQIVTSSGDTTCALWDIETGQQTTTFTGHTGDVMSLSLAPDTRLFVSGACDASAKLWDVREGMCRQTFTGHES
DINAICFFPNGNAFATGSDDATCRLFDLRADQELMTYSHDNIICGITSVSFSKSGRLLLAGYDDFNCNVWDALKADRAGV
LAGHDNRVSCLGVTDDGMAVATGSWDSFLKIWN
;
B
5 'polypeptide(L)' MASNNTASIAQARKLVEQLKMEANIDRIKVSKAAADLMAYCEAHAKEDPLLTPVPASENPFREKKFFC C
6 'polypeptide(L)'
;MVQLVESGGGLVQPGGSRKLSCSASGFAFSSFGMHWVRQAPEKGLEWVAYISSGSGTIYYADTVKGRFTISRDDPKNTLF
LQMTSLRSEDTAMYYCVRSIYYYGSSPFDFWGQGTTLTVSAGGGGSGGGGSGGGGSADIVMTQATSSVPVTPGESVSISC
RSSKSLLHSNGNTYLYWFLQRPGQSPQLLIYRMSNLASGVPDRFSGSGSGTAFTLTISRLEAEDVGVYYCMQHLEYPLTF
GAGTKLEL
;
E
#
# COMPACT_ATOMS: atom_id res chain seq x y z
N ALA A 55 -42.37 19.27 44.69
CA ALA A 55 -42.53 18.53 43.45
C ALA A 55 -41.52 19.00 42.40
N ILE A 56 -41.29 20.32 42.38
CA ILE A 56 -40.30 20.89 41.45
C ILE A 56 -38.85 20.43 41.67
N PRO A 57 -38.28 20.32 42.90
CA PRO A 57 -36.88 19.84 42.96
C PRO A 57 -36.71 18.40 42.53
N VAL A 58 -37.72 17.55 42.74
CA VAL A 58 -37.64 16.15 42.32
C VAL A 58 -37.61 16.03 40.80
N ILE A 59 -38.49 16.76 40.11
CA ILE A 59 -38.49 16.72 38.65
C ILE A 59 -37.22 17.35 38.08
N ILE A 60 -36.71 18.43 38.70
CA ILE A 60 -35.47 19.05 38.21
C ILE A 60 -34.27 18.11 38.37
N THR A 61 -34.12 17.49 39.55
CA THR A 61 -33.02 16.54 39.73
C THR A 61 -33.22 15.29 38.87
N ALA A 62 -34.46 14.95 38.53
CA ALA A 62 -34.71 13.82 37.64
C ALA A 62 -34.27 14.14 36.21
N VAL A 63 -34.54 15.38 35.76
CA VAL A 63 -34.07 15.82 34.44
C VAL A 63 -32.55 15.83 34.40
N TYR A 64 -31.90 16.38 35.43
CA TYR A 64 -30.44 16.32 35.55
C TYR A 64 -29.90 14.90 35.50
N SER A 65 -30.55 13.97 36.22
CA SER A 65 -30.13 12.57 36.21
C SER A 65 -30.26 11.95 34.81
N VAL A 66 -31.36 12.24 34.11
CA VAL A 66 -31.58 11.71 32.76
C VAL A 66 -30.51 12.22 31.81
N VAL A 67 -30.31 13.54 31.76
CA VAL A 67 -29.28 14.16 30.92
C VAL A 67 -27.89 13.60 31.23
N PHE A 68 -27.59 13.39 32.52
CA PHE A 68 -26.29 12.86 32.93
C PHE A 68 -26.07 11.44 32.41
N VAL A 69 -27.05 10.55 32.67
CA VAL A 69 -26.93 9.15 32.26
C VAL A 69 -26.87 9.03 30.74
N VAL A 70 -27.80 9.68 30.03
CA VAL A 70 -27.83 9.67 28.56
C VAL A 70 -26.51 10.17 27.97
N GLY A 71 -25.99 11.29 28.49
CA GLY A 71 -24.75 11.83 27.97
C GLY A 71 -23.55 10.95 28.25
N LEU A 72 -23.49 10.34 29.44
CA LEU A 72 -22.36 9.49 29.78
C LEU A 72 -22.36 8.21 28.97
N VAL A 73 -23.54 7.59 28.78
CA VAL A 73 -23.65 6.38 27.98
C VAL A 73 -23.33 6.66 26.52
N GLY A 74 -23.89 7.75 25.97
CA GLY A 74 -23.59 8.20 24.62
C GLY A 74 -22.12 8.43 24.33
N ASN A 75 -21.49 9.32 25.13
CA ASN A 75 -20.06 9.59 25.00
C ASN A 75 -19.21 8.34 25.21
N SER A 76 -19.65 7.41 26.07
CA SER A 76 -18.87 6.22 26.32
C SER A 76 -18.92 5.26 25.15
N LEU A 77 -20.11 5.06 24.58
CA LEU A 77 -20.26 4.21 23.41
C LEU A 77 -19.51 4.76 22.21
N VAL A 78 -19.60 6.08 21.98
CA VAL A 78 -18.89 6.70 20.86
C VAL A 78 -17.37 6.59 21.04
N MET A 79 -16.88 6.85 22.26
CA MET A 79 -15.45 6.75 22.53
C MET A 79 -14.96 5.32 22.37
N PHE A 80 -15.74 4.33 22.83
CA PHE A 80 -15.35 2.93 22.69
C PHE A 80 -15.28 2.50 21.23
N VAL A 81 -16.27 2.94 20.41
CA VAL A 81 -16.27 2.61 18.98
C VAL A 81 -15.06 3.22 18.27
N ILE A 82 -14.72 4.48 18.58
CA ILE A 82 -13.54 5.09 17.96
C ILE A 82 -12.25 4.41 18.44
N ILE A 83 -12.19 4.00 19.72
CA ILE A 83 -11.00 3.32 20.25
C ILE A 83 -10.78 1.98 19.58
N ARG A 84 -11.84 1.19 19.37
CA ARG A 84 -11.61 -0.18 18.88
C ARG A 84 -12.25 -0.49 17.54
N TYR A 85 -13.53 -0.16 17.34
CA TYR A 85 -14.26 -0.58 16.14
C TYR A 85 -13.70 0.07 14.87
N THR A 86 -13.39 1.36 14.90
CA THR A 86 -12.93 2.07 13.72
C THR A 86 -11.60 2.75 14.01
N LYS A 87 -10.57 2.38 13.23
CA LYS A 87 -9.26 3.00 13.35
C LYS A 87 -9.31 4.45 12.91
N MET A 88 -8.52 5.30 13.59
CA MET A 88 -8.49 6.74 13.32
C MET A 88 -7.56 7.04 12.13
N LYS A 89 -8.05 6.73 10.93
CA LYS A 89 -7.30 7.01 9.72
C LYS A 89 -7.80 8.26 9.00
N THR A 90 -9.05 8.65 9.20
CA THR A 90 -9.61 9.86 8.63
C THR A 90 -9.53 11.00 9.66
N ALA A 91 -9.75 12.22 9.17
CA ALA A 91 -9.75 13.39 10.05
C ALA A 91 -11.07 13.56 10.79
N THR A 92 -12.17 13.19 10.13
CA THR A 92 -13.51 13.29 10.72
C THR A 92 -13.63 12.49 12.01
N ASN A 93 -13.16 11.23 12.00
CA ASN A 93 -13.19 10.40 13.21
C ASN A 93 -12.32 10.99 14.33
N ILE A 94 -11.22 11.65 13.98
CA ILE A 94 -10.39 12.34 14.97
C ILE A 94 -11.16 13.49 15.63
N TYR A 95 -11.86 14.29 14.81
CA TYR A 95 -12.70 15.36 15.35
C TYR A 95 -13.82 14.83 16.24
N ILE A 96 -14.53 13.78 15.78
CA ILE A 96 -15.58 13.14 16.59
C ILE A 96 -15.00 12.58 17.89
N PHE A 97 -13.77 12.05 17.85
CA PHE A 97 -13.10 11.54 19.04
C PHE A 97 -12.84 12.64 20.05
N ASN A 98 -12.25 13.77 19.60
CA ASN A 98 -11.98 14.88 20.51
C ASN A 98 -13.25 15.52 21.04
N LEU A 99 -14.31 15.56 20.22
CA LEU A 99 -15.59 16.10 20.66
C LEU A 99 -16.24 15.19 21.71
N ALA A 100 -16.20 13.87 21.48
CA ALA A 100 -16.72 12.91 22.45
C ALA A 100 -15.96 12.97 23.76
N LEU A 101 -14.63 13.14 23.70
CA LEU A 101 -13.83 13.28 24.91
C LEU A 101 -14.18 14.56 25.67
N ALA A 102 -14.38 15.67 24.93
CA ALA A 102 -14.74 16.93 25.57
C ALA A 102 -16.12 16.85 26.22
N ASP A 103 -17.09 16.23 25.54
CA ASP A 103 -18.41 16.11 26.13
C ASP A 103 -18.45 15.10 27.27
N ALA A 104 -17.57 14.08 27.24
CA ALA A 104 -17.49 13.13 28.34
C ALA A 104 -16.87 13.77 29.57
N LEU A 105 -15.96 14.73 29.38
CA LEU A 105 -15.38 15.43 30.52
C LEU A 105 -16.24 16.60 30.98
N VAL A 106 -17.15 17.09 30.13
CA VAL A 106 -18.11 18.12 30.54
C VAL A 106 -19.29 17.52 31.30
N THR A 107 -19.72 16.30 30.93
CA THR A 107 -20.86 15.66 31.58
C THR A 107 -20.55 15.24 33.03
N THR A 108 -19.26 15.05 33.35
CA THR A 108 -18.80 14.68 34.69
C THR A 108 -19.17 15.72 35.75
N THR A 109 -19.21 17.00 35.35
CA THR A 109 -19.41 18.10 36.29
C THR A 109 -20.84 18.15 36.86
N MET A 110 -21.82 17.61 36.11
CA MET A 110 -23.24 17.73 36.40
C MET A 110 -23.72 17.32 37.81
N PRO A 111 -23.37 16.14 38.37
CA PRO A 111 -23.85 15.84 39.75
C PRO A 111 -23.34 16.80 40.81
N PHE A 112 -22.15 17.39 40.62
CA PHE A 112 -21.66 18.38 41.57
C PHE A 112 -22.52 19.64 41.57
N GLN A 113 -22.91 20.09 40.37
CA GLN A 113 -23.85 21.22 40.26
C GLN A 113 -25.20 20.88 40.86
N SER A 114 -25.69 19.66 40.63
CA SER A 114 -26.92 19.19 41.28
C SER A 114 -26.82 19.27 42.80
N THR A 115 -25.69 18.80 43.35
CA THR A 115 -25.44 18.87 44.79
C THR A 115 -25.42 20.30 45.29
N VAL A 116 -24.74 21.20 44.56
CA VAL A 116 -24.68 22.62 44.92
C VAL A 116 -26.08 23.25 44.89
N TYR A 117 -26.90 22.87 43.91
CA TYR A 117 -28.28 23.37 43.85
C TYR A 117 -29.12 22.89 45.03
N LEU A 118 -29.11 21.58 45.30
CA LEU A 118 -30.02 21.03 46.30
C LEU A 118 -29.55 21.27 47.74
N MET A 119 -28.29 20.94 48.03
CA MET A 119 -27.76 21.09 49.38
C MET A 119 -27.54 22.53 49.77
N ASN A 120 -27.21 23.40 48.79
CA ASN A 120 -26.83 24.81 48.87
C ASN A 120 -25.45 24.98 49.51
N SER A 121 -24.73 23.88 49.76
CA SER A 121 -23.40 23.93 50.35
C SER A 121 -22.46 23.01 49.58
N TRP A 122 -21.16 23.34 49.63
CA TRP A 122 -20.10 22.51 49.06
C TRP A 122 -19.31 21.87 50.19
N PRO A 123 -19.61 20.61 50.56
CA PRO A 123 -18.95 20.01 51.73
C PRO A 123 -17.67 19.27 51.41
N PHE A 124 -17.11 19.49 50.21
CA PHE A 124 -15.90 18.79 49.79
C PHE A 124 -14.67 19.66 50.00
N GLY A 125 -13.53 19.18 49.53
CA GLY A 125 -12.28 19.90 49.66
C GLY A 125 -12.07 20.93 48.57
N ASP A 126 -10.96 21.66 48.70
CA ASP A 126 -10.62 22.72 47.75
C ASP A 126 -10.03 22.17 46.47
N VAL A 127 -9.29 21.05 46.56
CA VAL A 127 -8.69 20.41 45.39
C VAL A 127 -9.76 19.98 44.40
N LEU A 128 -10.86 19.40 44.90
CA LEU A 128 -11.96 18.97 44.04
C LEU A 128 -12.64 20.16 43.38
N CYS A 129 -12.83 21.25 44.14
CA CYS A 129 -13.33 22.52 43.61
C CYS A 129 -12.50 23.01 42.43
N LYS A 130 -11.17 23.11 42.63
CA LYS A 130 -10.26 23.60 41.59
C LYS A 130 -10.27 22.72 40.35
N ILE A 131 -10.23 21.39 40.52
CA ILE A 131 -10.17 20.50 39.36
C ILE A 131 -11.49 20.52 38.59
N VAL A 132 -12.63 20.45 39.30
CA VAL A 132 -13.94 20.46 38.63
C VAL A 132 -14.17 21.76 37.86
N ILE A 133 -13.75 22.90 38.43
CA ILE A 133 -13.87 24.18 37.72
C ILE A 133 -12.98 24.19 36.47
N SER A 134 -11.73 23.73 36.61
CA SER A 134 -10.81 23.76 35.48
C SER A 134 -11.24 22.84 34.35
N ILE A 135 -11.71 21.63 34.70
CA ILE A 135 -12.21 20.69 33.70
C ILE A 135 -13.45 21.23 33.01
N ASP A 136 -14.39 21.81 33.77
CA ASP A 136 -15.63 22.34 33.20
C ASP A 136 -15.38 23.46 32.20
N TYR A 137 -14.61 24.48 32.61
CA TYR A 137 -14.30 25.59 31.71
C TYR A 137 -13.46 25.15 30.52
N TYR A 138 -12.32 24.49 30.81
CA TYR A 138 -11.38 23.97 29.81
C TYR A 138 -12.08 23.14 28.73
N ASN A 139 -12.80 22.09 29.13
CA ASN A 139 -13.43 21.23 28.14
C ASN A 139 -14.71 21.81 27.54
N MET A 140 -15.33 22.81 28.18
CA MET A 140 -16.44 23.50 27.51
C MET A 140 -15.92 24.33 26.34
N PHE A 141 -14.84 25.07 26.56
CA PHE A 141 -14.21 25.81 25.46
C PHE A 141 -13.65 24.86 24.40
N THR A 142 -13.11 23.71 24.83
CA THR A 142 -12.59 22.72 23.90
C THR A 142 -13.70 22.15 23.03
N SER A 143 -14.87 21.89 23.63
CA SER A 143 -16.03 21.40 22.88
C SER A 143 -16.51 22.43 21.85
N ILE A 144 -16.63 23.70 22.26
CA ILE A 144 -17.15 24.72 21.36
C ILE A 144 -16.18 24.99 20.21
N PHE A 145 -14.88 25.03 20.51
CA PHE A 145 -13.89 25.23 19.45
C PHE A 145 -13.77 24.02 18.55
N THR A 146 -14.01 22.81 19.08
CA THR A 146 -14.04 21.61 18.24
C THR A 146 -15.21 21.66 17.27
N LEU A 147 -16.40 22.05 17.75
CA LEU A 147 -17.56 22.21 16.88
C LEU A 147 -17.31 23.26 15.80
N THR A 148 -16.61 24.34 16.16
CA THR A 148 -16.38 25.42 15.19
C THR A 148 -15.35 24.99 14.14
N MET A 149 -14.31 24.28 14.56
CA MET A 149 -13.34 23.75 13.60
C MET A 149 -13.94 22.68 12.70
N MET A 150 -14.89 21.87 13.21
CA MET A 150 -15.57 20.92 12.32
C MET A 150 -16.41 21.64 11.28
N SER A 151 -17.04 22.75 11.67
CA SER A 151 -17.80 23.56 10.71
C SER A 151 -16.88 24.17 9.65
N VAL A 152 -15.73 24.69 10.08
CA VAL A 152 -14.76 25.28 9.13
C VAL A 152 -14.18 24.20 8.22
N ASP A 153 -13.93 23.01 8.77
CA ASP A 153 -13.37 21.91 7.99
C ASP A 153 -14.34 21.46 6.90
N ARG A 154 -15.63 21.30 7.24
CA ARG A 154 -16.60 20.93 6.21
C ARG A 154 -16.86 22.06 5.23
N TYR A 155 -16.69 23.32 5.67
CA TYR A 155 -16.84 24.47 4.77
C TYR A 155 -15.73 24.48 3.73
N ILE A 156 -14.49 24.28 4.16
CA ILE A 156 -13.36 24.18 3.23
C ILE A 156 -13.51 22.95 2.34
N ALA A 157 -14.01 21.84 2.90
CA ALA A 157 -14.26 20.61 2.15
C ALA A 157 -15.25 20.81 1.00
N VAL A 158 -16.25 21.67 1.18
CA VAL A 158 -17.27 21.85 0.16
C VAL A 158 -16.95 23.01 -0.78
N CYS A 159 -16.54 24.15 -0.23
CA CYS A 159 -16.36 25.33 -1.07
C CYS A 159 -14.99 25.41 -1.74
N HIS A 160 -13.96 24.84 -1.14
CA HIS A 160 -12.59 24.86 -1.68
C HIS A 160 -12.08 23.43 -1.85
N PRO A 161 -12.56 22.71 -2.87
CA PRO A 161 -12.18 21.29 -3.01
C PRO A 161 -10.71 21.06 -3.35
N VAL A 162 -10.05 22.02 -4.02
CA VAL A 162 -8.65 21.84 -4.36
C VAL A 162 -7.79 22.02 -3.11
N LYS A 163 -8.19 22.90 -2.21
CA LYS A 163 -7.48 23.09 -0.95
C LYS A 163 -7.81 21.99 0.05
N ALA A 164 -8.95 21.31 -0.12
CA ALA A 164 -9.32 20.18 0.73
C ALA A 164 -8.31 19.04 0.62
N LEU A 165 -7.71 18.86 -0.56
CA LEU A 165 -6.64 17.87 -0.72
C LEU A 165 -5.42 18.23 0.11
N ASP A 166 -5.16 19.53 0.29
CA ASP A 166 -4.03 20.02 1.07
C ASP A 166 -4.43 20.43 2.48
N PHE A 167 -5.64 20.07 2.92
CA PHE A 167 -6.12 20.49 4.22
C PHE A 167 -6.67 19.32 5.02
N ARG A 168 -7.19 18.29 4.35
CA ARG A 168 -7.80 17.15 5.04
C ARG A 168 -6.77 16.03 5.23
N THR A 169 -5.66 16.40 5.82
CA THR A 169 -4.65 15.43 6.19
C THR A 169 -4.87 15.02 7.64
N PRO A 170 -4.66 13.75 8.01
CA PRO A 170 -4.77 13.39 9.44
C PRO A 170 -3.74 14.06 10.32
N LEU A 171 -2.51 14.22 9.80
CA LEU A 171 -1.45 14.92 10.53
C LEU A 171 -1.85 16.37 10.82
N LYS A 172 -2.30 17.08 9.79
CA LYS A 172 -2.75 18.48 9.95
C LYS A 172 -3.93 18.58 10.92
N ALA A 173 -4.87 17.63 10.83
CA ALA A 173 -6.00 17.58 11.77
C ALA A 173 -5.53 17.42 13.21
N LYS A 174 -4.55 16.54 13.43
CA LYS A 174 -3.98 16.38 14.77
C LYS A 174 -3.30 17.65 15.25
N ILE A 175 -2.52 18.29 14.39
CA ILE A 175 -1.84 19.54 14.73
C ILE A 175 -2.84 20.62 15.14
N ILE A 176 -3.92 20.76 14.35
CA ILE A 176 -4.99 21.71 14.67
C ILE A 176 -5.66 21.37 16.00
N ASN A 177 -5.89 20.08 16.28
CA ASN A 177 -6.53 19.70 17.54
C ASN A 177 -5.62 19.94 18.75
N ILE A 178 -4.32 19.70 18.62
CA ILE A 178 -3.37 20.07 19.68
C ILE A 178 -3.35 21.58 19.87
N CYS A 179 -3.50 22.36 18.80
CA CYS A 179 -3.58 23.82 18.94
C CYS A 179 -4.85 24.24 19.68
N ILE A 180 -5.97 23.54 19.44
CA ILE A 180 -7.23 23.85 20.13
C ILE A 180 -7.10 23.55 21.63
N TRP A 181 -6.50 22.40 21.96
CA TRP A 181 -6.32 22.03 23.37
C TRP A 181 -5.34 22.98 24.07
N LEU A 182 -4.26 23.38 23.39
CA LEU A 182 -3.33 24.38 23.95
C LEU A 182 -4.01 25.73 24.14
N LEU A 183 -4.82 26.18 23.16
CA LEU A 183 -5.55 27.43 23.30
C LEU A 183 -6.53 27.39 24.48
N SER A 184 -7.10 26.22 24.76
CA SER A 184 -7.96 26.07 25.93
C SER A 184 -7.13 26.04 27.22
N SER A 185 -5.91 25.51 27.16
CA SER A 185 -5.01 25.41 28.31
C SER A 185 -4.72 26.74 28.99
N SER A 186 -4.79 27.88 28.29
CA SER A 186 -4.61 29.17 28.94
C SER A 186 -5.71 29.44 29.97
N VAL A 187 -6.97 29.19 29.58
CA VAL A 187 -8.08 29.36 30.50
C VAL A 187 -8.06 28.25 31.54
N GLY A 188 -7.55 27.06 31.16
CA GLY A 188 -7.40 25.99 32.14
C GLY A 188 -6.44 26.33 33.27
N ILE A 189 -5.27 26.87 32.92
CA ILE A 189 -4.30 27.31 33.93
C ILE A 189 -4.84 28.50 34.72
N SER A 190 -5.60 29.38 34.06
CA SER A 190 -6.23 30.49 34.78
C SER A 190 -7.26 29.99 35.80
N ALA A 191 -7.98 28.91 35.46
CA ALA A 191 -8.95 28.33 36.38
C ALA A 191 -8.27 27.55 37.50
N ILE A 192 -7.08 26.99 37.23
CA ILE A 192 -6.34 26.32 38.30
C ILE A 192 -5.78 27.34 39.28
N VAL A 193 -5.33 28.48 38.78
CA VAL A 193 -4.71 29.48 39.65
C VAL A 193 -5.78 30.27 40.42
N LEU A 194 -6.86 30.67 39.75
CA LEU A 194 -7.86 31.51 40.38
C LEU A 194 -8.98 30.74 41.08
N GLY A 195 -9.26 29.51 40.63
CA GLY A 195 -10.30 28.72 41.28
C GLY A 195 -9.96 28.37 42.71
N GLY A 196 -10.97 28.35 43.56
CA GLY A 196 -10.76 28.00 44.95
C GLY A 196 -12.04 28.04 45.76
N THR A 197 -11.90 27.76 47.04
CA THR A 197 -12.99 27.65 47.99
C THR A 197 -12.91 28.74 49.05
N LYS A 198 -14.04 29.39 49.36
CA LYS A 198 -14.09 30.39 50.44
C LYS A 198 -15.34 30.21 51.29
N VAL A 199 -15.19 30.36 52.60
CA VAL A 199 -16.29 30.23 53.56
C VAL A 199 -16.88 31.61 53.84
N ARG A 200 -18.22 31.68 53.88
CA ARG A 200 -18.97 32.90 54.16
C ARG A 200 -19.55 32.79 55.56
N GLU A 201 -19.11 33.71 56.45
CA GLU A 201 -19.43 33.66 57.87
C GLU A 201 -20.88 34.04 58.17
N ASP A 202 -21.37 35.16 57.62
CA ASP A 202 -22.72 35.62 57.96
C ASP A 202 -23.79 34.66 57.47
N VAL A 203 -23.60 34.11 56.27
CA VAL A 203 -24.53 33.11 55.74
C VAL A 203 -24.21 31.73 56.30
N ASP A 204 -23.01 31.57 56.90
CA ASP A 204 -22.52 30.32 57.48
C ASP A 204 -22.53 29.18 56.46
N VAL A 205 -22.08 29.47 55.23
CA VAL A 205 -22.12 28.50 54.14
C VAL A 205 -20.80 28.70 53.37
N ILE A 206 -20.32 27.64 52.74
CA ILE A 206 -19.06 27.67 52.00
C ILE A 206 -19.38 27.65 50.52
N GLU A 207 -18.72 28.50 49.75
CA GLU A 207 -18.87 28.55 48.29
C GLU A 207 -17.57 28.21 47.55
N CYS A 208 -17.74 27.54 46.42
CA CYS A 208 -16.67 27.23 45.48
C CYS A 208 -16.78 28.17 44.28
N SER A 209 -15.77 29.04 44.06
CA SER A 209 -15.87 30.02 42.99
C SER A 209 -14.51 30.56 42.61
N LEU A 210 -14.49 31.33 41.52
CA LEU A 210 -13.32 32.04 40.99
C LEU A 210 -13.02 33.30 41.81
N GLN A 211 -12.09 33.20 42.75
CA GLN A 211 -11.71 34.36 43.56
C GLN A 211 -10.92 35.40 42.77
N PHE A 212 -11.39 36.63 42.85
CA PHE A 212 -10.81 37.86 42.31
C PHE A 212 -10.64 38.80 43.50
N PRO A 213 -9.74 39.80 43.41
CA PRO A 213 -9.65 40.77 44.50
C PRO A 213 -10.92 41.60 44.63
N ASP A 214 -11.36 41.78 45.87
CA ASP A 214 -12.68 42.32 46.16
C ASP A 214 -12.78 43.84 45.99
N ASP A 215 -11.63 44.53 45.86
CA ASP A 215 -11.65 45.96 45.57
C ASP A 215 -12.36 46.26 44.26
N ASP A 216 -12.12 45.44 43.24
CA ASP A 216 -12.78 45.53 41.93
C ASP A 216 -13.28 44.15 41.52
N TYR A 217 -14.07 43.52 42.40
CA TYR A 217 -14.59 42.19 42.08
C TYR A 217 -15.69 42.25 41.03
N SER A 218 -16.64 43.18 41.17
CA SER A 218 -17.73 43.31 40.21
C SER A 218 -17.25 43.72 38.83
N TRP A 219 -16.16 44.48 38.76
CA TRP A 219 -15.67 44.95 37.47
C TRP A 219 -14.90 43.86 36.76
N TRP A 220 -13.95 43.22 37.45
CA TRP A 220 -13.18 42.15 36.80
C TRP A 220 -14.04 40.92 36.54
N ASP A 221 -15.10 40.72 37.33
CA ASP A 221 -16.04 39.64 37.07
C ASP A 221 -16.88 39.92 35.84
N LEU A 222 -17.38 41.16 35.71
CA LEU A 222 -18.12 41.57 34.52
C LEU A 222 -17.24 41.49 33.28
N PHE A 223 -15.99 41.96 33.38
CA PHE A 223 -15.02 41.88 32.29
C PHE A 223 -14.80 40.44 31.83
N MET A 224 -14.56 39.52 32.78
CA MET A 224 -14.41 38.11 32.43
C MET A 224 -15.67 37.55 31.79
N LYS A 225 -16.86 37.93 32.28
CA LYS A 225 -18.10 37.44 31.67
C LYS A 225 -18.29 37.95 30.26
N ILE A 226 -17.87 39.20 29.97
CA ILE A 226 -17.99 39.71 28.61
C ILE A 226 -16.97 39.03 27.69
N CYS A 227 -15.75 38.79 28.18
CA CYS A 227 -14.75 38.08 27.39
C CYS A 227 -15.18 36.66 27.05
N VAL A 228 -15.68 35.93 28.07
CA VAL A 228 -16.15 34.56 27.87
C VAL A 228 -17.33 34.52 26.91
N PHE A 229 -18.32 35.41 27.11
CA PHE A 229 -19.50 35.43 26.26
C PHE A 229 -19.15 35.74 24.81
N ILE A 230 -18.31 36.76 24.58
CA ILE A 230 -17.97 37.14 23.22
C ILE A 230 -17.17 36.04 22.52
N PHE A 231 -16.09 35.56 23.16
CA PHE A 231 -15.22 34.58 22.52
C PHE A 231 -15.88 33.22 22.36
N ALA A 232 -16.71 32.80 23.31
CA ALA A 232 -17.32 31.48 23.21
C ALA A 232 -18.67 31.49 22.52
N PHE A 233 -19.29 32.64 22.28
CA PHE A 233 -20.60 32.66 21.67
C PHE A 233 -20.66 33.44 20.37
N VAL A 234 -20.22 34.71 20.36
CA VAL A 234 -20.41 35.57 19.18
C VAL A 234 -19.59 35.07 18.00
N ILE A 235 -18.31 34.78 18.22
CA ILE A 235 -17.44 34.28 17.16
C ILE A 235 -17.84 32.89 16.67
N PRO A 236 -18.10 31.86 17.53
CA PRO A 236 -18.51 30.55 16.96
C PRO A 236 -19.85 30.55 16.24
N VAL A 237 -20.84 31.31 16.73
CA VAL A 237 -22.15 31.36 16.09
C VAL A 237 -22.04 31.98 14.70
N LEU A 238 -21.43 33.17 14.61
CA LEU A 238 -21.24 33.85 13.31
C LEU A 238 -20.43 32.99 12.34
N ILE A 239 -19.40 32.29 12.82
CA ILE A 239 -18.63 31.41 11.95
C ILE A 239 -19.49 30.24 11.45
N ILE A 240 -20.30 29.64 12.34
CA ILE A 240 -21.13 28.51 11.92
C ILE A 240 -22.24 28.95 10.96
N ILE A 241 -22.79 30.16 11.14
CA ILE A 241 -23.80 30.67 10.22
C ILE A 241 -23.20 30.96 8.85
N VAL A 242 -22.08 31.69 8.81
CA VAL A 242 -21.43 32.01 7.54
C VAL A 242 -21.00 30.74 6.80
N CYS A 243 -20.35 29.81 7.53
CA CYS A 243 -19.85 28.58 6.92
C CYS A 243 -20.98 27.71 6.36
N TYR A 244 -22.01 27.41 7.17
CA TYR A 244 -23.08 26.56 6.65
C TYR A 244 -23.95 27.27 5.62
N THR A 245 -24.13 28.59 5.73
CA THR A 245 -24.90 29.33 4.73
C THR A 245 -24.21 29.31 3.37
N LEU A 246 -22.91 29.62 3.35
CA LEU A 246 -22.14 29.53 2.10
C LEU A 246 -22.05 28.09 1.61
N MET A 247 -22.04 27.12 2.53
CA MET A 247 -22.02 25.71 2.15
C MET A 247 -23.27 25.32 1.39
N ILE A 248 -24.45 25.69 1.93
CA ILE A 248 -25.72 25.37 1.27
C ILE A 248 -25.85 26.12 -0.04
N LEU A 249 -25.47 27.40 -0.07
CA LEU A 249 -25.46 28.18 -1.32
C LEU A 249 -24.55 27.56 -2.38
N ARG A 250 -23.39 27.03 -1.97
CA ARG A 250 -22.51 26.35 -2.92
C ARG A 250 -23.13 25.04 -3.41
N LEU A 251 -23.74 24.26 -2.50
CA LEU A 251 -24.34 22.98 -2.88
C LEU A 251 -25.54 23.15 -3.80
N LYS A 252 -26.26 24.28 -3.70
CA LYS A 252 -27.36 24.52 -4.63
C LYS A 252 -26.89 24.72 -6.07
N SER A 253 -25.62 25.10 -6.27
CA SER A 253 -25.05 25.29 -7.59
C SER A 253 -24.33 24.05 -8.11
N VAL A 254 -24.58 22.88 -7.53
CA VAL A 254 -23.95 21.63 -7.93
C VAL A 254 -24.89 20.90 -8.87
N ARG A 255 -24.37 20.54 -10.05
CA ARG A 255 -25.17 19.87 -11.08
C ARG A 255 -25.60 18.48 -10.63
N LEU A 256 -24.74 17.77 -9.89
CA LEU A 256 -25.07 16.44 -9.40
C LEU A 256 -26.26 16.45 -8.44
N LEU A 257 -26.29 17.42 -7.53
CA LEU A 257 -27.36 17.48 -6.53
C LEU A 257 -28.72 17.77 -7.16
N SER A 258 -28.76 18.64 -8.16
CA SER A 258 -30.00 18.97 -8.84
C SER A 258 -30.27 18.07 -10.04
N GLY A 259 -29.41 17.07 -10.26
CA GLY A 259 -29.57 16.18 -11.40
C GLY A 259 -30.83 15.34 -11.36
N SER A 260 -31.18 14.83 -10.18
CA SER A 260 -32.32 13.94 -10.05
C SER A 260 -33.09 14.23 -8.77
N ARG A 261 -34.33 13.73 -8.74
CA ARG A 261 -35.22 13.94 -7.60
C ARG A 261 -34.70 13.27 -6.33
N GLU A 262 -34.19 12.04 -6.45
CA GLU A 262 -33.65 11.33 -5.29
C GLU A 262 -32.42 12.02 -4.71
N LYS A 263 -31.52 12.49 -5.58
CA LYS A 263 -30.37 13.25 -5.12
C LYS A 263 -30.80 14.57 -4.47
N ASP A 264 -31.84 15.20 -5.03
CA ASP A 264 -32.41 16.41 -4.45
C ASP A 264 -32.96 16.11 -3.05
N ARG A 265 -33.59 14.95 -2.88
CA ARG A 265 -34.05 14.49 -1.56
C ARG A 265 -32.88 14.34 -0.58
N ASN A 266 -31.78 13.73 -1.06
CA ASN A 266 -30.57 13.60 -0.22
C ASN A 266 -30.02 14.96 0.19
N LEU A 267 -30.00 15.92 -0.75
CA LEU A 267 -29.59 17.29 -0.45
C LEU A 267 -30.51 17.92 0.59
N ARG A 268 -31.82 17.74 0.42
CA ARG A 268 -32.81 18.20 1.40
C ARG A 268 -32.54 17.62 2.78
N ARG A 269 -32.17 16.34 2.84
CA ARG A 269 -31.83 15.69 4.12
C ARG A 269 -30.59 16.32 4.74
N ILE A 270 -29.57 16.61 3.93
CA ILE A 270 -28.35 17.27 4.40
C ILE A 270 -28.68 18.66 4.94
N THR A 271 -29.58 19.38 4.24
CA THR A 271 -30.01 20.71 4.65
C THR A 271 -30.75 20.65 5.99
N ARG A 272 -31.71 19.72 6.10
CA ARG A 272 -32.41 19.46 7.35
C ARG A 272 -31.45 19.18 8.50
N LEU A 273 -30.42 18.36 8.25
CA LEU A 273 -29.41 18.03 9.27
C LEU A 273 -28.67 19.28 9.74
N VAL A 274 -28.23 20.11 8.79
CA VAL A 274 -27.55 21.37 9.10
C VAL A 274 -28.45 22.27 9.95
N LEU A 275 -29.70 22.48 9.51
CA LEU A 275 -30.68 23.27 10.25
C LEU A 275 -30.90 22.74 11.67
N VAL A 276 -31.00 21.42 11.83
CA VAL A 276 -31.19 20.81 13.14
C VAL A 276 -30.00 21.11 14.06
N VAL A 277 -28.78 20.86 13.57
CA VAL A 277 -27.57 21.09 14.37
C VAL A 277 -27.45 22.55 14.80
N VAL A 278 -27.73 23.49 13.89
CA VAL A 278 -27.58 24.90 14.21
C VAL A 278 -28.71 25.36 15.15
N ALA A 279 -29.94 24.85 14.93
CA ALA A 279 -31.06 25.15 15.80
C ALA A 279 -30.81 24.65 17.22
N VAL A 280 -30.27 23.44 17.38
CA VAL A 280 -29.97 22.90 18.71
C VAL A 280 -28.91 23.74 19.39
N PHE A 281 -27.86 24.13 18.66
CA PHE A 281 -26.78 24.93 19.25
C PHE A 281 -27.27 26.31 19.71
N VAL A 282 -28.13 26.94 18.92
CA VAL A 282 -28.63 28.28 19.25
C VAL A 282 -29.63 28.20 20.41
N VAL A 283 -30.64 27.33 20.29
CA VAL A 283 -31.67 27.14 21.33
C VAL A 283 -31.06 26.72 22.66
N CYS A 284 -29.94 25.99 22.65
CA CYS A 284 -29.36 25.58 23.92
C CYS A 284 -28.41 26.63 24.51
N TRP A 285 -27.61 27.34 23.71
CA TRP A 285 -26.66 28.26 24.32
C TRP A 285 -27.17 29.68 24.53
N THR A 286 -28.03 30.18 23.63
CA THR A 286 -28.54 31.55 23.74
C THR A 286 -29.25 31.93 25.06
N PRO A 287 -30.17 31.12 25.66
CA PRO A 287 -30.85 31.61 26.88
C PRO A 287 -29.96 31.79 28.10
N ILE A 288 -29.06 30.86 28.37
CA ILE A 288 -28.25 30.96 29.58
C ILE A 288 -27.22 32.09 29.45
N HIS A 289 -26.69 32.30 28.25
CA HIS A 289 -25.78 33.43 28.03
C HIS A 289 -26.49 34.77 28.20
N ILE A 290 -27.70 34.91 27.65
CA ILE A 290 -28.44 36.16 27.84
C ILE A 290 -28.84 36.35 29.30
N PHE A 291 -29.26 35.28 29.97
CA PHE A 291 -29.67 35.33 31.37
C PHE A 291 -28.51 35.77 32.27
N ILE A 292 -27.34 35.16 32.10
CA ILE A 292 -26.14 35.53 32.85
C ILE A 292 -25.76 36.99 32.57
N LEU A 293 -25.81 37.43 31.30
CA LEU A 293 -25.47 38.82 31.00
C LEU A 293 -26.43 39.82 31.65
N VAL A 294 -27.75 39.53 31.60
CA VAL A 294 -28.75 40.41 32.19
C VAL A 294 -28.56 40.51 33.70
N GLU A 295 -28.39 39.37 34.37
CA GLU A 295 -28.13 39.39 35.82
C GLU A 295 -26.79 40.07 36.14
N ALA A 296 -25.79 39.89 35.28
CA ALA A 296 -24.48 40.50 35.51
C ALA A 296 -24.53 42.02 35.44
N LEU A 297 -25.31 42.59 34.50
CA LEU A 297 -25.29 44.04 34.37
C LEU A 297 -26.66 44.70 34.53
N GLY A 298 -27.70 44.16 33.88
CA GLY A 298 -28.98 44.85 33.85
C GLY A 298 -29.67 44.98 35.20
N SER A 299 -29.82 43.87 35.91
CA SER A 299 -30.52 43.89 37.20
C SER A 299 -30.09 42.70 38.05
N THR A 300 -30.07 42.89 39.36
CA THR A 300 -29.71 41.83 40.30
C THR A 300 -30.95 41.48 41.13
N SER A 301 -31.30 40.20 41.16
CA SER A 301 -32.45 39.72 41.92
C SER A 301 -32.17 38.28 42.37
N HIS A 302 -33.11 37.74 43.15
CA HIS A 302 -33.00 36.38 43.66
C HIS A 302 -34.38 35.78 43.97
N SER A 303 -35.01 35.22 42.95
CA SER A 303 -36.33 34.62 43.05
C SER A 303 -36.24 33.11 42.88
N THR A 304 -37.08 32.39 43.63
CA THR A 304 -37.22 30.93 43.54
C THR A 304 -37.42 30.45 42.10
N ALA A 305 -38.49 30.95 41.45
CA ALA A 305 -38.75 30.64 40.04
C ALA A 305 -37.58 31.04 39.15
N ALA A 306 -36.95 32.18 39.45
CA ALA A 306 -35.75 32.58 38.69
C ALA A 306 -34.60 31.62 38.92
N LEU A 307 -34.48 31.04 40.11
CA LEU A 307 -33.42 30.08 40.40
C LEU A 307 -33.67 28.78 39.66
N SER A 308 -34.94 28.35 39.60
CA SER A 308 -35.30 27.16 38.85
C SER A 308 -35.07 27.34 37.35
N SER A 309 -35.45 28.50 36.81
CA SER A 309 -35.21 28.79 35.40
C SER A 309 -33.72 28.89 35.09
N TYR A 310 -32.94 29.45 36.02
CA TYR A 310 -31.49 29.55 35.87
C TYR A 310 -30.85 28.16 35.76
N TYR A 311 -31.17 27.27 36.70
CA TYR A 311 -30.61 25.92 36.61
C TYR A 311 -31.24 25.09 35.50
N PHE A 312 -32.44 25.46 35.03
CA PHE A 312 -33.01 24.80 33.86
C PHE A 312 -32.26 25.19 32.59
N CYS A 313 -31.87 26.47 32.46
CA CYS A 313 -31.06 26.88 31.33
C CYS A 313 -29.66 26.28 31.38
N ILE A 314 -29.11 26.10 32.59
CA ILE A 314 -27.85 25.38 32.73
C ILE A 314 -28.01 23.92 32.29
N ALA A 315 -29.12 23.30 32.69
CA ALA A 315 -29.45 21.94 32.28
C ALA A 315 -29.59 21.83 30.76
N LEU A 316 -30.17 22.85 30.12
CA LEU A 316 -30.25 22.88 28.65
C LEU A 316 -28.88 23.00 28.00
N GLY A 317 -28.01 23.83 28.59
CA GLY A 317 -26.65 23.96 28.09
C GLY A 317 -25.87 22.66 28.15
N TYR A 318 -26.02 21.90 29.25
CA TYR A 318 -25.43 20.57 29.31
C TYR A 318 -26.19 19.55 28.47
N THR A 319 -27.49 19.79 28.22
CA THR A 319 -28.30 18.89 27.40
C THR A 319 -27.79 18.90 25.95
N ASN A 320 -27.35 20.06 25.47
CA ASN A 320 -26.70 20.14 24.16
C ASN A 320 -25.49 19.20 24.09
N SER A 321 -24.64 19.22 25.13
CA SER A 321 -23.50 18.31 25.19
C SER A 321 -23.93 16.86 25.27
N SER A 322 -25.10 16.60 25.88
CA SER A 322 -25.61 15.23 25.95
C SER A 322 -26.21 14.78 24.62
N LEU A 323 -26.71 15.72 23.82
CA LEU A 323 -27.31 15.41 22.52
C LEU A 323 -26.28 15.35 21.40
N ASN A 324 -25.12 16.00 21.57
CA ASN A 324 -24.04 15.97 20.58
C ASN A 324 -23.63 14.57 20.08
N PRO A 325 -23.51 13.50 20.90
CA PRO A 325 -23.25 12.18 20.29
C PRO A 325 -24.32 11.72 19.32
N ILE A 326 -25.60 11.98 19.60
CA ILE A 326 -26.67 11.53 18.71
C ILE A 326 -26.70 12.40 17.45
N LEU A 327 -26.42 13.69 17.61
CA LEU A 327 -26.45 14.61 16.46
C LEU A 327 -25.25 14.42 15.55
N TYR A 328 -24.10 13.99 16.09
CA TYR A 328 -22.88 13.94 15.30
C TYR A 328 -22.40 12.54 14.93
N ALA A 329 -22.53 11.54 15.80
CA ALA A 329 -22.04 10.20 15.47
C ALA A 329 -23.12 9.32 14.88
N PHE A 330 -24.29 9.26 15.52
CA PHE A 330 -25.39 8.40 15.09
C PHE A 330 -26.21 8.97 13.94
N LEU A 331 -25.67 9.94 13.18
CA LEU A 331 -26.31 10.44 11.98
C LEU A 331 -25.36 10.56 10.79
N ASP A 332 -24.05 10.37 10.98
CA ASP A 332 -23.12 10.30 9.87
C ASP A 332 -23.32 9.00 9.10
N GLU A 333 -23.42 9.11 7.77
CA GLU A 333 -23.63 7.93 6.92
C GLU A 333 -22.44 6.98 6.90
N ASN A 334 -21.25 7.42 7.33
CA ASN A 334 -20.08 6.56 7.38
C ASN A 334 -19.98 5.86 8.74
N PHE A 335 -20.44 6.51 9.81
CA PHE A 335 -20.42 5.89 11.13
C PHE A 335 -21.44 4.77 11.20
N LYS A 336 -22.56 4.91 10.48
CA LYS A 336 -23.55 3.84 10.40
C LYS A 336 -22.95 2.59 9.75
N ARG A 337 -22.23 2.77 8.63
CA ARG A 337 -21.62 1.62 7.95
C ARG A 337 -20.44 1.06 8.71
N CYS A 338 -19.79 1.87 9.55
CA CYS A 338 -18.82 1.31 10.49
C CYS A 338 -19.50 0.54 11.62
N PHE A 339 -20.67 1.00 12.06
CA PHE A 339 -21.37 0.36 13.16
C PHE A 339 -22.03 -0.94 12.72
N ARG A 340 -22.63 -0.95 11.53
CA ARG A 340 -23.29 -2.14 11.01
C ARG A 340 -22.27 -3.17 10.54
N TYR B 1 -20.56 25.40 34.57
CA TYR B 1 -20.14 26.75 34.20
C TYR B 1 -20.92 27.80 35.00
N GLY B 2 -22.25 27.80 34.80
CA GLY B 2 -23.11 28.75 35.49
C GLY B 2 -23.11 28.57 36.99
N GLY B 3 -23.23 27.31 37.44
CA GLY B 3 -23.24 26.99 38.87
C GLY B 3 -22.07 27.54 39.66
N PHE B 4 -20.87 27.49 39.08
CA PHE B 4 -19.66 27.94 39.75
C PHE B 4 -19.48 29.45 39.56
N LEU B 5 -20.37 30.20 40.21
CA LEU B 5 -20.35 31.66 40.19
C LEU B 5 -20.91 32.14 41.53
N ARG B 6 -20.84 33.45 41.74
CA ARG B 6 -21.34 34.06 42.96
C ARG B 6 -22.78 34.50 42.72
N ARG B 7 -23.73 33.69 43.18
CA ARG B 7 -25.15 33.98 43.03
C ARG B 7 -25.79 34.01 44.41
N ILE B 8 -26.56 35.06 44.67
CA ILE B 8 -27.23 35.21 45.96
C ILE B 8 -28.74 35.22 45.76
N GLY C 2 14.67 -3.36 19.73
CA GLY C 2 15.09 -3.66 21.08
C GLY C 2 16.53 -4.15 21.15
N CYS C 3 16.93 -4.63 22.33
CA CYS C 3 18.29 -5.11 22.54
C CYS C 3 18.48 -6.55 22.07
N THR C 4 17.40 -7.22 21.63
CA THR C 4 17.54 -8.59 21.13
C THR C 4 18.17 -8.60 19.75
N LEU C 5 17.92 -7.58 18.94
CA LEU C 5 18.40 -7.53 17.57
C LEU C 5 19.91 -7.31 17.54
N SER C 6 20.55 -7.84 16.48
CA SER C 6 21.99 -7.75 16.33
C SER C 6 22.36 -6.41 15.71
N ALA C 7 23.65 -6.24 15.38
CA ALA C 7 24.14 -4.96 14.88
C ALA C 7 23.73 -4.70 13.44
N GLU C 8 23.54 -5.75 12.65
CA GLU C 8 23.12 -5.59 11.26
C GLU C 8 21.60 -5.54 11.12
N ASP C 9 20.88 -6.24 12.00
CA ASP C 9 19.42 -6.27 11.89
C ASP C 9 18.80 -4.94 12.30
N LYS C 10 19.45 -4.20 13.20
CA LYS C 10 19.00 -2.85 13.54
C LYS C 10 19.13 -1.90 12.35
N ALA C 11 20.24 -2.01 11.61
CA ALA C 11 20.40 -1.20 10.40
C ALA C 11 19.44 -1.63 9.30
N ALA C 12 19.10 -2.92 9.25
CA ALA C 12 18.09 -3.39 8.31
C ALA C 12 16.70 -2.84 8.64
N VAL C 13 16.36 -2.79 9.94
CA VAL C 13 15.10 -2.20 10.37
C VAL C 13 15.08 -0.69 10.08
N GLU C 14 16.22 -0.02 10.27
CA GLU C 14 16.30 1.42 9.96
C GLU C 14 16.15 1.68 8.45
N ARG C 15 16.74 0.82 7.63
CA ARG C 15 16.56 0.90 6.18
C ARG C 15 15.10 0.65 5.80
N SER C 16 14.45 -0.30 6.47
CA SER C 16 13.04 -0.57 6.19
C SER C 16 12.14 0.61 6.58
N LYS C 17 12.45 1.28 7.69
CA LYS C 17 11.68 2.45 8.09
C LYS C 17 11.89 3.62 7.13
N MET C 18 13.13 3.80 6.64
CA MET C 18 13.37 4.86 5.66
C MET C 18 12.68 4.56 4.33
N ILE C 19 12.62 3.27 3.96
CA ILE C 19 11.88 2.87 2.77
C ILE C 19 10.38 3.13 2.94
N ASP C 20 9.83 2.80 4.11
CA ASP C 20 8.40 3.01 4.36
C ASP C 20 8.05 4.49 4.41
N ARG C 21 8.97 5.33 4.91
CA ARG C 21 8.77 6.77 4.86
C ARG C 21 8.74 7.29 3.43
N ASN C 22 9.66 6.80 2.58
CA ASN C 22 9.64 7.20 1.18
C ASN C 22 8.41 6.67 0.45
N LEU C 23 7.90 5.49 0.87
CA LEU C 23 6.69 4.95 0.28
C LEU C 23 5.46 5.78 0.63
N ARG C 24 5.34 6.23 1.89
CA ARG C 24 4.18 7.05 2.22
C ARG C 24 4.30 8.47 1.65
N GLU C 25 5.54 8.99 1.53
CA GLU C 25 5.72 10.28 0.88
C GLU C 25 5.42 10.22 -0.62
N ASP C 26 5.61 9.06 -1.25
CA ASP C 26 5.18 8.92 -2.64
C ASP C 26 3.70 8.61 -2.76
N GLY C 27 3.13 7.91 -1.77
CA GLY C 27 1.72 7.60 -1.78
C GLY C 27 0.82 8.80 -1.59
N GLU C 28 1.28 9.80 -0.81
CA GLU C 28 0.51 11.03 -0.68
C GLU C 28 0.42 11.78 -2.00
N LYS C 29 1.54 11.86 -2.74
CA LYS C 29 1.53 12.49 -4.04
C LYS C 29 0.76 11.68 -5.08
N ALA C 30 0.76 10.35 -4.95
CA ALA C 30 -0.04 9.52 -5.84
C ALA C 30 -1.53 9.62 -5.53
N ALA C 31 -1.89 9.94 -4.28
CA ALA C 31 -3.28 10.10 -3.89
C ALA C 31 -3.79 11.51 -4.07
N ARG C 32 -2.92 12.49 -4.27
CA ARG C 32 -3.31 13.88 -4.41
C ARG C 32 -3.49 14.27 -5.90
N GLU C 33 -3.51 13.29 -6.79
CA GLU C 33 -3.64 13.54 -8.22
C GLU C 33 -4.89 12.86 -8.77
N VAL C 34 -5.37 13.38 -9.90
CA VAL C 34 -6.65 12.97 -10.47
C VAL C 34 -6.39 12.15 -11.73
N LYS C 35 -6.91 10.92 -11.74
CA LYS C 35 -6.79 10.02 -12.87
C LYS C 35 -8.02 10.14 -13.78
N LEU C 36 -7.79 10.15 -15.09
CA LEU C 36 -8.85 10.28 -16.07
C LEU C 36 -8.68 9.20 -17.14
N LEU C 37 -9.69 8.34 -17.27
CA LEU C 37 -9.63 7.24 -18.23
C LEU C 37 -10.21 7.72 -19.57
N LEU C 38 -9.37 7.79 -20.59
CA LEU C 38 -9.77 8.33 -21.89
C LEU C 38 -10.17 7.18 -22.81
N LEU C 39 -11.48 7.00 -22.98
CA LEU C 39 -12.02 5.98 -23.86
C LEU C 39 -12.38 6.61 -25.20
N GLY C 40 -13.06 5.84 -26.05
CA GLY C 40 -13.41 6.29 -27.38
C GLY C 40 -12.69 5.47 -28.45
N ALA C 41 -12.81 5.96 -29.68
CA ALA C 41 -12.24 5.29 -30.84
C ALA C 41 -11.40 6.28 -31.64
N GLY C 42 -10.48 5.72 -32.43
CA GLY C 42 -9.61 6.56 -33.25
C GLY C 42 -10.33 7.20 -34.43
N GLU C 43 -11.38 6.54 -34.94
CA GLU C 43 -12.15 7.12 -36.03
C GLU C 43 -12.96 8.33 -35.59
N SER C 44 -13.31 8.39 -34.30
CA SER C 44 -14.12 9.50 -33.79
C SER C 44 -13.30 10.79 -33.71
N GLY C 45 -12.02 10.67 -33.39
CA GLY C 45 -11.17 11.84 -33.20
C GLY C 45 -10.89 12.09 -31.73
N LYS C 46 -9.74 11.65 -31.28
CA LYS C 46 -9.32 11.70 -29.88
C LYS C 46 -7.96 12.33 -29.68
N SER C 47 -7.02 12.09 -30.60
CA SER C 47 -5.69 12.68 -30.52
C SER C 47 -5.72 14.19 -30.66
N THR C 48 -6.69 14.72 -31.42
CA THR C 48 -6.86 16.17 -31.47
C THR C 48 -7.33 16.73 -30.13
N ILE C 49 -8.12 15.96 -29.37
CA ILE C 49 -8.53 16.41 -28.04
C ILE C 49 -7.35 16.32 -27.08
N VAL C 50 -6.50 15.31 -27.25
CA VAL C 50 -5.25 15.22 -26.47
C VAL C 50 -4.35 16.42 -26.76
N LYS C 51 -4.27 16.82 -28.03
CA LYS C 51 -3.44 17.98 -28.38
C LYS C 51 -4.04 19.29 -27.87
N GLN C 52 -5.38 19.40 -27.86
CA GLN C 52 -6.01 20.61 -27.31
C GLN C 52 -5.85 20.69 -25.81
N MET C 53 -5.93 19.56 -25.10
CA MET C 53 -5.77 19.59 -23.65
C MET C 53 -4.31 19.70 -23.22
N LYS C 54 -3.38 19.25 -24.07
CA LYS C 54 -1.96 19.38 -23.73
C LYS C 54 -1.49 20.82 -23.85
N ILE C 55 -1.93 21.54 -24.87
CA ILE C 55 -1.52 22.93 -25.07
C ILE C 55 -2.29 23.85 -24.13
N THR C 182 3.58 0.33 -25.08
CA THR C 182 2.74 0.95 -26.09
C THR C 182 1.28 0.48 -25.97
N GLY C 183 0.78 0.44 -24.74
CA GLY C 183 -0.59 0.05 -24.50
C GLY C 183 -1.42 1.14 -23.85
N ILE C 184 -0.77 1.98 -23.04
CA ILE C 184 -1.42 3.11 -22.39
C ILE C 184 -0.55 4.34 -22.62
N VAL C 185 -1.15 5.38 -23.19
CA VAL C 185 -0.49 6.67 -23.32
C VAL C 185 -0.83 7.49 -22.09
N GLU C 186 0.18 7.83 -21.29
CA GLU C 186 0.00 8.60 -20.07
C GLU C 186 0.31 10.07 -20.37
N THR C 187 -0.66 10.94 -20.12
CA THR C 187 -0.50 12.37 -20.36
C THR C 187 -0.65 13.10 -19.03
N HIS C 188 0.41 13.79 -18.61
CA HIS C 188 0.42 14.55 -17.38
C HIS C 188 0.23 16.03 -17.69
N PHE C 189 -0.78 16.64 -17.09
CA PHE C 189 -0.95 18.08 -17.29
C PHE C 189 -1.56 18.71 -16.05
N THR C 190 -1.22 19.98 -15.81
CA THR C 190 -1.66 20.70 -14.63
C THR C 190 -2.47 21.91 -15.05
N PHE C 191 -3.71 22.00 -14.58
CA PHE C 191 -4.60 23.13 -14.84
C PHE C 191 -5.21 23.59 -13.53
N LYS C 192 -5.05 24.88 -13.23
CA LYS C 192 -5.57 25.55 -12.02
C LYS C 192 -5.15 24.81 -10.74
N ASP C 193 -3.85 24.49 -10.69
CA ASP C 193 -3.19 23.82 -9.55
C ASP C 193 -3.79 22.45 -9.26
N LEU C 194 -4.22 21.74 -10.30
CA LEU C 194 -4.73 20.38 -10.17
C LEU C 194 -4.01 19.51 -11.18
N HIS C 195 -3.45 18.39 -10.72
CA HIS C 195 -2.66 17.50 -11.56
C HIS C 195 -3.54 16.39 -12.13
N PHE C 196 -3.64 16.34 -13.46
CA PHE C 196 -4.41 15.33 -14.17
C PHE C 196 -3.47 14.36 -14.85
N LYS C 197 -3.72 13.07 -14.64
CA LYS C 197 -3.04 11.97 -15.33
C LYS C 197 -4.09 11.31 -16.22
N MET C 198 -3.95 11.46 -17.53
CA MET C 198 -4.90 10.90 -18.48
C MET C 198 -4.32 9.63 -19.08
N PHE C 199 -5.09 8.55 -19.00
CA PHE C 199 -4.66 7.23 -19.46
C PHE C 199 -5.45 6.89 -20.73
N ASP C 200 -4.74 6.84 -21.86
CA ASP C 200 -5.33 6.45 -23.14
C ASP C 200 -5.08 4.97 -23.36
N VAL C 201 -6.15 4.20 -23.49
CA VAL C 201 -6.09 2.75 -23.61
C VAL C 201 -6.53 2.29 -24.99
N GLY C 202 -6.43 3.16 -26.01
CA GLY C 202 -6.89 2.84 -27.34
C GLY C 202 -6.02 1.88 -28.12
N ALA C 203 -4.80 1.60 -27.63
CA ALA C 203 -3.86 0.74 -28.32
C ALA C 203 -4.05 -0.73 -28.00
N GLN C 204 -5.05 -1.09 -27.21
CA GLN C 204 -5.28 -2.49 -26.86
C GLN C 204 -5.99 -3.22 -27.99
N ARG C 205 -5.59 -4.46 -28.22
CA ARG C 205 -6.14 -5.32 -29.26
C ARG C 205 -6.61 -6.64 -28.68
N SER C 206 -7.27 -6.60 -27.52
CA SER C 206 -7.68 -7.80 -26.80
C SER C 206 -9.08 -7.59 -26.25
N GLU C 207 -9.50 -8.50 -25.37
CA GLU C 207 -10.81 -8.39 -24.73
C GLU C 207 -10.77 -7.32 -23.66
N ARG C 208 -11.79 -6.45 -23.66
CA ARG C 208 -11.81 -5.31 -22.76
C ARG C 208 -12.09 -5.70 -21.32
N LYS C 209 -12.71 -6.87 -21.10
CA LYS C 209 -13.18 -7.25 -19.77
C LYS C 209 -12.03 -7.57 -18.82
N LYS C 210 -10.95 -8.17 -19.33
CA LYS C 210 -9.87 -8.63 -18.47
C LYS C 210 -8.95 -7.53 -17.97
N TRP C 211 -9.11 -6.29 -18.44
CA TRP C 211 -8.33 -5.17 -17.92
C TRP C 211 -9.17 -3.97 -17.52
N ILE C 212 -10.51 -4.04 -17.65
CA ILE C 212 -11.35 -2.93 -17.23
C ILE C 212 -11.53 -2.87 -15.73
N HIS C 213 -11.20 -3.95 -15.01
CA HIS C 213 -11.28 -3.97 -13.56
C HIS C 213 -10.11 -3.24 -12.90
N CYS C 214 -9.05 -2.93 -13.65
CA CYS C 214 -7.92 -2.19 -13.09
C CYS C 214 -8.25 -0.73 -12.85
N PHE C 215 -9.26 -0.19 -13.53
CA PHE C 215 -9.61 1.22 -13.47
C PHE C 215 -10.77 1.49 -12.53
N GLU C 216 -10.85 0.75 -11.42
CA GLU C 216 -11.92 0.96 -10.46
C GLU C 216 -11.78 2.29 -9.73
N GLY C 217 -10.54 2.66 -9.37
CA GLY C 217 -10.31 3.87 -8.62
C GLY C 217 -10.11 5.13 -9.45
N VAL C 218 -10.54 5.12 -10.71
CA VAL C 218 -10.39 6.28 -11.57
C VAL C 218 -11.42 7.33 -11.17
N THR C 219 -11.08 8.60 -11.37
CA THR C 219 -12.00 9.68 -11.01
C THR C 219 -13.12 9.83 -12.03
N ALA C 220 -12.77 9.88 -13.32
CA ALA C 220 -13.78 10.10 -14.35
C ALA C 220 -13.37 9.43 -15.65
N ILE C 221 -14.38 9.00 -16.40
CA ILE C 221 -14.22 8.55 -17.78
C ILE C 221 -14.43 9.74 -18.69
N ILE C 222 -13.57 9.88 -19.71
CA ILE C 222 -13.78 10.84 -20.78
C ILE C 222 -14.01 10.05 -22.05
N PHE C 223 -15.23 10.08 -22.56
CA PHE C 223 -15.66 9.26 -23.69
C PHE C 223 -16.02 10.20 -24.84
N CYS C 224 -15.41 9.95 -26.00
CA CYS C 224 -15.43 10.91 -27.11
C CYS C 224 -15.89 10.21 -28.38
N VAL C 225 -17.01 10.67 -28.94
CA VAL C 225 -17.54 10.11 -30.18
C VAL C 225 -17.87 11.25 -31.15
N ALA C 226 -17.84 10.93 -32.44
CA ALA C 226 -18.02 11.92 -33.49
C ALA C 226 -19.47 11.95 -33.95
N LEU C 227 -19.98 13.17 -34.17
CA LEU C 227 -21.32 13.33 -34.72
C LEU C 227 -21.35 13.05 -36.22
N SER C 228 -20.36 13.57 -36.95
CA SER C 228 -20.32 13.49 -38.41
C SER C 228 -20.12 12.08 -38.94
N ASP C 229 -19.79 11.11 -38.07
CA ASP C 229 -19.78 9.71 -38.42
C ASP C 229 -21.16 9.06 -38.24
N TYR C 230 -22.24 9.86 -38.28
CA TYR C 230 -23.58 9.31 -38.13
C TYR C 230 -23.98 8.43 -39.31
N ASP C 231 -23.48 8.74 -40.51
CA ASP C 231 -23.83 7.98 -41.71
C ASP C 231 -22.69 7.17 -42.29
N LEU C 232 -21.47 7.30 -41.76
CA LEU C 232 -20.34 6.54 -42.28
C LEU C 232 -20.43 5.08 -41.85
N VAL C 233 -20.23 4.18 -42.80
CA VAL C 233 -20.21 2.75 -42.50
C VAL C 233 -18.84 2.38 -41.92
N LEU C 234 -18.80 1.27 -41.18
CA LEU C 234 -17.56 0.80 -40.59
C LEU C 234 -16.63 0.23 -41.66
N ALA C 235 -15.38 -0.02 -41.25
CA ALA C 235 -14.38 -0.55 -42.17
C ALA C 235 -14.66 -2.00 -42.55
N GLU C 236 -15.36 -2.74 -41.69
CA GLU C 236 -15.67 -4.13 -41.97
C GLU C 236 -16.73 -4.24 -43.07
N ASP C 237 -16.89 -5.48 -43.58
CA ASP C 237 -17.78 -5.71 -44.70
C ASP C 237 -19.25 -5.62 -44.28
N GLU C 238 -19.54 -5.87 -43.00
CA GLU C 238 -20.90 -5.83 -42.51
C GLU C 238 -21.45 -4.41 -42.51
N GLU C 239 -22.75 -4.28 -42.81
CA GLU C 239 -23.40 -2.98 -42.87
C GLU C 239 -23.80 -2.59 -41.44
N MET C 240 -22.84 -2.01 -40.74
CA MET C 240 -23.04 -1.57 -39.36
C MET C 240 -22.65 -0.10 -39.27
N ASN C 241 -23.54 0.70 -38.69
CA ASN C 241 -23.27 2.12 -38.54
C ASN C 241 -22.25 2.37 -37.43
N ARG C 242 -21.42 3.39 -37.63
CA ARG C 242 -20.41 3.73 -36.62
C ARG C 242 -21.05 4.41 -35.42
N MET C 243 -22.16 5.13 -35.63
CA MET C 243 -22.88 5.75 -34.53
C MET C 243 -23.54 4.70 -33.64
N HIS C 244 -24.12 3.66 -34.24
CA HIS C 244 -24.70 2.59 -33.43
C HIS C 244 -23.64 1.74 -32.75
N GLU C 245 -22.46 1.59 -33.38
CA GLU C 245 -21.35 0.93 -32.71
C GLU C 245 -20.84 1.75 -31.55
N SER C 246 -20.90 3.08 -31.66
CA SER C 246 -20.50 3.94 -30.55
C SER C 246 -21.55 3.90 -29.44
N MET C 247 -22.83 3.79 -29.79
CA MET C 247 -23.87 3.72 -28.77
C MET C 247 -23.87 2.38 -28.05
N LYS C 248 -23.59 1.28 -28.75
CA LYS C 248 -23.48 0.00 -28.06
C LYS C 248 -22.20 -0.07 -27.23
N LEU C 249 -21.12 0.60 -27.67
CA LEU C 249 -19.92 0.68 -26.84
C LEU C 249 -20.16 1.50 -25.57
N PHE C 250 -20.90 2.60 -25.70
CA PHE C 250 -21.26 3.40 -24.53
C PHE C 250 -22.22 2.65 -23.61
N ASP C 251 -23.09 1.81 -24.17
CA ASP C 251 -23.98 1.01 -23.33
C ASP C 251 -23.22 -0.12 -22.63
N SER C 252 -22.19 -0.67 -23.27
CA SER C 252 -21.40 -1.71 -22.62
C SER C 252 -20.46 -1.15 -21.57
N ILE C 253 -19.98 0.08 -21.75
CA ILE C 253 -19.09 0.68 -20.76
C ILE C 253 -19.87 1.31 -19.61
N CYS C 254 -20.97 2.02 -19.92
CA CYS C 254 -21.75 2.71 -18.91
C CYS C 254 -22.49 1.74 -17.99
N ASN C 255 -22.93 0.59 -18.50
CA ASN C 255 -23.61 -0.40 -17.68
C ASN C 255 -22.65 -1.47 -17.20
N ASN C 256 -21.62 -1.02 -16.49
CA ASN C 256 -20.58 -1.90 -15.96
C ASN C 256 -20.58 -1.81 -14.43
N LYS C 257 -20.29 -2.94 -13.79
CA LYS C 257 -20.34 -3.00 -12.33
C LYS C 257 -19.16 -2.27 -11.68
N TRP C 258 -18.06 -2.08 -12.39
CA TRP C 258 -16.91 -1.41 -11.80
C TRP C 258 -17.08 0.11 -11.79
N PHE C 259 -17.86 0.65 -12.72
CA PHE C 259 -18.02 2.09 -12.89
C PHE C 259 -19.40 2.58 -12.47
N THR C 260 -19.94 2.05 -11.37
CA THR C 260 -21.27 2.46 -10.93
C THR C 260 -21.27 3.89 -10.40
N ASP C 261 -20.23 4.27 -9.65
CA ASP C 261 -20.12 5.61 -9.09
C ASP C 261 -19.10 6.48 -9.84
N THR C 262 -18.85 6.19 -11.11
CA THR C 262 -17.87 6.92 -11.91
C THR C 262 -18.58 7.79 -12.94
N SER C 263 -18.29 9.08 -12.92
CA SER C 263 -18.90 10.02 -13.87
C SER C 263 -18.27 9.87 -15.25
N ILE C 264 -19.10 10.12 -16.27
CA ILE C 264 -18.71 10.01 -17.67
C ILE C 264 -18.88 11.37 -18.34
N ILE C 265 -17.81 11.84 -18.97
CA ILE C 265 -17.80 13.13 -19.66
C ILE C 265 -17.84 12.83 -21.15
N LEU C 266 -18.96 13.16 -21.80
CA LEU C 266 -19.17 12.85 -23.20
C LEU C 266 -18.78 14.03 -24.08
N PHE C 267 -17.92 13.78 -25.07
CA PHE C 267 -17.52 14.78 -26.05
C PHE C 267 -18.06 14.39 -27.43
N LEU C 268 -19.02 15.16 -27.92
CA LEU C 268 -19.54 15.00 -29.27
C LEU C 268 -18.69 15.87 -30.20
N ASN C 269 -17.88 15.21 -31.04
CA ASN C 269 -16.85 15.87 -31.80
C ASN C 269 -17.33 16.19 -33.22
N LYS C 270 -16.47 16.92 -33.95
CA LYS C 270 -16.64 17.26 -35.37
C LYS C 270 -17.95 18.01 -35.64
N LYS C 271 -18.26 18.99 -34.79
CA LYS C 271 -19.52 19.75 -34.92
C LYS C 271 -19.59 20.53 -36.23
N ASP C 272 -18.46 21.09 -36.69
CA ASP C 272 -18.44 21.84 -37.94
C ASP C 272 -18.71 20.93 -39.14
N LEU C 273 -18.11 19.75 -39.16
CA LEU C 273 -18.33 18.80 -40.25
C LEU C 273 -19.76 18.24 -40.19
N PHE C 274 -20.26 17.97 -38.99
CA PHE C 274 -21.64 17.52 -38.83
C PHE C 274 -22.63 18.59 -39.30
N GLU C 275 -22.31 19.87 -39.04
CA GLU C 275 -23.17 20.96 -39.48
C GLU C 275 -23.13 21.12 -41.00
N GLU C 276 -21.95 20.94 -41.60
CA GLU C 276 -21.85 21.00 -43.06
C GLU C 276 -22.42 19.77 -43.74
N LYS C 277 -22.57 18.66 -43.02
CA LYS C 277 -23.03 17.40 -43.60
C LYS C 277 -24.52 17.15 -43.38
N ILE C 278 -25.11 17.70 -42.31
CA ILE C 278 -26.52 17.45 -42.02
C ILE C 278 -27.44 18.20 -42.98
N LYS C 279 -26.93 19.21 -43.69
CA LYS C 279 -27.72 19.91 -44.70
C LYS C 279 -27.90 19.10 -45.97
N LYS C 280 -27.11 18.04 -46.17
CA LYS C 280 -27.20 17.18 -47.35
C LYS C 280 -27.97 15.90 -47.08
N SER C 281 -27.72 15.24 -45.95
CA SER C 281 -28.34 13.96 -45.66
C SER C 281 -29.23 14.06 -44.43
N PRO C 282 -30.40 13.43 -44.45
CA PRO C 282 -31.29 13.46 -43.29
C PRO C 282 -30.79 12.55 -42.18
N LEU C 283 -31.38 12.73 -41.00
CA LEU C 283 -31.06 11.92 -39.83
C LEU C 283 -31.90 10.65 -39.77
N THR C 284 -32.93 10.53 -40.61
CA THR C 284 -33.82 9.37 -40.58
C THR C 284 -33.16 8.11 -41.15
N ILE C 285 -32.06 8.25 -41.88
CA ILE C 285 -31.34 7.08 -42.39
C ILE C 285 -30.64 6.33 -41.27
N CYS C 286 -30.33 6.99 -40.16
CA CYS C 286 -29.70 6.33 -39.03
C CYS C 286 -30.69 5.44 -38.29
N TYR C 287 -31.75 6.05 -37.75
CA TYR C 287 -32.76 5.34 -36.97
C TYR C 287 -34.12 5.94 -37.26
N PRO C 288 -35.17 5.10 -37.35
CA PRO C 288 -36.50 5.61 -37.74
C PRO C 288 -37.21 6.41 -36.64
N GLU C 289 -36.64 6.49 -35.44
CA GLU C 289 -37.34 7.15 -34.33
C GLU C 289 -37.42 8.66 -34.50
N TYR C 290 -36.47 9.26 -35.22
CA TYR C 290 -36.42 10.70 -35.37
C TYR C 290 -37.52 11.18 -36.31
N ALA C 291 -38.30 12.17 -35.85
CA ALA C 291 -39.40 12.72 -36.63
C ALA C 291 -39.33 14.24 -36.74
N GLY C 292 -38.24 14.87 -36.30
CA GLY C 292 -38.10 16.30 -36.35
C GLY C 292 -37.58 16.79 -37.69
N SER C 293 -37.26 18.08 -37.74
CA SER C 293 -36.75 18.70 -38.94
C SER C 293 -35.25 18.39 -39.11
N ASN C 294 -34.71 18.78 -40.26
CA ASN C 294 -33.32 18.52 -40.60
C ASN C 294 -32.39 19.66 -40.19
N THR C 295 -32.77 20.45 -39.19
CA THR C 295 -31.93 21.55 -38.73
C THR C 295 -30.81 21.03 -37.83
N TYR C 296 -29.89 21.93 -37.47
CA TYR C 296 -28.70 21.54 -36.74
C TYR C 296 -28.95 21.35 -35.25
N GLU C 297 -29.55 22.35 -34.60
CA GLU C 297 -29.61 22.39 -33.14
C GLU C 297 -30.57 21.34 -32.57
N GLU C 298 -31.73 21.17 -33.21
CA GLU C 298 -32.71 20.19 -32.74
C GLU C 298 -32.19 18.76 -32.91
N ALA C 299 -31.54 18.47 -34.05
CA ALA C 299 -30.96 17.15 -34.27
C ALA C 299 -29.79 16.89 -33.34
N ALA C 300 -28.99 17.92 -33.04
CA ALA C 300 -27.88 17.76 -32.12
C ALA C 300 -28.37 17.50 -30.70
N ALA C 301 -29.40 18.24 -30.26
CA ALA C 301 -29.98 17.99 -28.95
C ALA C 301 -30.67 16.63 -28.88
N TYR C 302 -31.22 16.14 -30.00
CA TYR C 302 -31.86 14.83 -29.96
C TYR C 302 -30.82 13.71 -29.92
N ILE C 303 -29.68 13.88 -30.61
CA ILE C 303 -28.58 12.93 -30.48
C ILE C 303 -28.01 12.96 -29.05
N GLN C 304 -27.96 14.15 -28.45
CA GLN C 304 -27.53 14.29 -27.07
C GLN C 304 -28.44 13.54 -26.10
N CYS C 305 -29.75 13.69 -26.26
CA CYS C 305 -30.65 12.98 -25.35
C CYS C 305 -30.72 11.48 -25.66
N GLN C 306 -30.46 11.07 -26.90
CA GLN C 306 -30.37 9.64 -27.20
C GLN C 306 -29.13 9.02 -26.57
N PHE C 307 -28.01 9.75 -26.51
CA PHE C 307 -26.87 9.27 -25.75
C PHE C 307 -27.13 9.29 -24.25
N GLU C 308 -27.89 10.27 -23.76
CA GLU C 308 -28.17 10.33 -22.33
C GLU C 308 -29.27 9.36 -21.89
N ASP C 309 -30.02 8.76 -22.82
CA ASP C 309 -31.01 7.76 -22.46
C ASP C 309 -30.41 6.39 -22.16
N LEU C 310 -29.15 6.15 -22.54
CA LEU C 310 -28.54 4.85 -22.33
C LEU C 310 -28.12 4.59 -20.90
N ASN C 311 -28.15 5.60 -20.03
CA ASN C 311 -27.78 5.44 -18.63
C ASN C 311 -28.91 4.72 -17.89
N LYS C 312 -28.65 3.49 -17.46
CA LYS C 312 -29.61 2.78 -16.62
C LYS C 312 -29.52 3.24 -15.17
N ARG C 313 -28.31 3.52 -14.69
CA ARG C 313 -28.09 3.92 -13.30
C ARG C 313 -28.08 5.44 -13.23
N LYS C 314 -29.28 6.01 -13.25
CA LYS C 314 -29.45 7.46 -13.22
C LYS C 314 -29.38 8.05 -11.82
N ASP C 315 -29.17 7.24 -10.80
CA ASP C 315 -29.15 7.75 -9.43
C ASP C 315 -27.78 8.29 -9.05
N THR C 316 -26.74 7.47 -9.14
CA THR C 316 -25.40 7.87 -8.73
C THR C 316 -24.55 8.37 -9.89
N LYS C 317 -24.90 8.05 -11.13
CA LYS C 317 -24.13 8.46 -12.29
C LYS C 317 -24.82 9.59 -13.04
N GLU C 318 -24.03 10.57 -13.47
CA GLU C 318 -24.49 11.66 -14.31
C GLU C 318 -23.59 11.75 -15.54
N ILE C 319 -24.21 12.00 -16.70
CA ILE C 319 -23.48 12.09 -17.96
C ILE C 319 -23.22 13.55 -18.27
N TYR C 320 -21.96 13.88 -18.54
CA TYR C 320 -21.53 15.24 -18.81
C TYR C 320 -21.29 15.39 -20.31
N THR C 321 -22.34 15.73 -21.04
CA THR C 321 -22.25 15.87 -22.49
C THR C 321 -21.81 17.29 -22.82
N HIS C 322 -20.83 17.42 -23.70
CA HIS C 322 -20.29 18.73 -24.07
C HIS C 322 -19.79 18.66 -25.50
N PHE C 323 -20.36 19.47 -26.38
CA PHE C 323 -19.84 19.62 -27.72
C PHE C 323 -18.46 20.26 -27.68
N THR C 324 -17.55 19.77 -28.52
CA THR C 324 -16.19 20.31 -28.54
C THR C 324 -16.19 21.73 -29.07
N CYS C 325 -15.52 22.63 -28.36
CA CYS C 325 -15.48 24.03 -28.74
C CYS C 325 -14.36 24.34 -29.72
N SER C 326 -13.29 23.54 -29.69
CA SER C 326 -12.07 23.72 -30.50
C SER C 326 -11.45 25.09 -30.28
N THR C 327 -11.46 25.53 -29.02
CA THR C 327 -10.99 26.84 -28.62
C THR C 327 -10.16 26.65 -27.36
N ASP C 328 -9.18 27.54 -27.16
CA ASP C 328 -8.26 27.43 -26.03
C ASP C 328 -9.02 27.65 -24.71
N THR C 329 -8.81 26.71 -23.77
CA THR C 329 -9.33 26.75 -22.39
C THR C 329 -10.86 26.76 -22.38
N LYS C 330 -11.45 25.81 -23.11
CA LYS C 330 -12.88 25.54 -23.01
C LYS C 330 -13.17 24.10 -22.58
N ASN C 331 -12.63 23.12 -23.31
CA ASN C 331 -12.81 21.73 -22.93
C ASN C 331 -12.06 21.41 -21.63
N VAL C 332 -10.89 22.03 -21.45
CA VAL C 332 -10.12 21.86 -20.22
C VAL C 332 -10.87 22.47 -19.04
N GLN C 333 -11.53 23.61 -19.26
CA GLN C 333 -12.35 24.24 -18.23
C GLN C 333 -13.56 23.37 -17.87
N PHE C 334 -14.19 22.76 -18.86
CA PHE C 334 -15.33 21.87 -18.58
C PHE C 334 -14.90 20.62 -17.82
N VAL C 335 -13.76 20.04 -18.21
CA VAL C 335 -13.24 18.86 -17.49
C VAL C 335 -12.81 19.24 -16.08
N PHE C 336 -12.29 20.46 -15.89
CA PHE C 336 -11.92 20.93 -14.56
C PHE C 336 -13.14 21.12 -13.68
N ASP C 337 -14.22 21.67 -14.24
CA ASP C 337 -15.45 21.82 -13.46
C ASP C 337 -16.07 20.47 -13.12
N ALA C 338 -15.98 19.51 -14.04
CA ALA C 338 -16.51 18.16 -13.78
C ALA C 338 -15.70 17.46 -12.70
N VAL C 339 -14.38 17.59 -12.73
CA VAL C 339 -13.52 16.99 -11.70
C VAL C 339 -13.72 17.71 -10.38
N THR C 340 -14.01 19.02 -10.42
CA THR C 340 -14.33 19.77 -9.21
C THR C 340 -15.60 19.25 -8.55
N ASP C 341 -16.65 18.98 -9.36
CA ASP C 341 -17.88 18.39 -8.82
C ASP C 341 -17.66 16.99 -8.27
N VAL C 342 -16.76 16.21 -8.88
CA VAL C 342 -16.53 14.86 -8.38
C VAL C 342 -15.70 14.89 -7.09
N ILE C 343 -14.76 15.84 -6.98
CA ILE C 343 -13.99 15.99 -5.74
C ILE C 343 -14.87 16.53 -4.62
N ILE C 344 -15.86 17.37 -4.93
CA ILE C 344 -16.83 17.81 -3.92
C ILE C 344 -17.69 16.64 -3.45
N LYS C 345 -18.11 15.77 -4.37
CA LYS C 345 -18.90 14.60 -3.97
C LYS C 345 -18.06 13.62 -3.15
N ASN C 346 -16.77 13.46 -3.50
CA ASN C 346 -15.90 12.58 -2.74
C ASN C 346 -15.59 13.14 -1.37
N ASN C 347 -15.46 14.47 -1.25
CA ASN C 347 -15.27 15.08 0.06
C ASN C 347 -16.52 14.99 0.92
N LEU C 348 -17.70 15.07 0.31
CA LEU C 348 -18.94 14.85 1.06
C LEU C 348 -19.08 13.39 1.51
N LYS C 349 -18.57 12.45 0.71
CA LYS C 349 -18.53 11.06 1.16
C LYS C 349 -17.50 10.85 2.27
N ASP C 350 -16.37 11.56 2.21
CA ASP C 350 -15.32 11.41 3.22
C ASP C 350 -15.77 12.03 4.55
N CYS C 351 -16.51 13.13 4.50
CA CYS C 351 -17.07 13.70 5.73
C CYS C 351 -18.15 12.81 6.33
N GLY C 352 -18.83 12.03 5.52
CA GLY C 352 -20.03 11.34 5.96
C GLY C 352 -21.27 12.20 5.99
N LEU C 353 -21.20 13.42 5.46
CA LEU C 353 -22.38 14.27 5.40
C LEU C 353 -23.33 13.81 4.31
N PHE C 354 -22.80 13.33 3.19
CA PHE C 354 -23.61 12.79 2.11
C PHE C 354 -24.13 11.41 2.48
N GLN D 19 -14.48 -27.60 -46.33
CA GLN D 19 -13.92 -28.76 -47.01
C GLN D 19 -13.23 -29.69 -46.02
N LEU D 20 -12.16 -29.20 -45.40
CA LEU D 20 -11.43 -29.95 -44.38
C LEU D 20 -11.99 -29.74 -42.98
N ARG D 21 -13.06 -28.97 -42.83
CA ARG D 21 -13.72 -28.83 -41.54
C ARG D 21 -14.34 -30.16 -41.10
N GLN D 22 -14.85 -30.94 -42.05
CA GLN D 22 -15.35 -32.28 -41.72
C GLN D 22 -14.22 -33.21 -41.30
N GLU D 23 -13.04 -33.04 -41.91
CA GLU D 23 -11.87 -33.84 -41.50
C GLU D 23 -11.41 -33.44 -40.11
N ALA D 24 -11.44 -32.15 -39.78
CA ALA D 24 -11.11 -31.69 -38.43
C ALA D 24 -12.12 -32.19 -37.41
N GLU D 25 -13.40 -32.24 -37.80
CA GLU D 25 -14.43 -32.79 -36.93
C GLU D 25 -14.24 -34.29 -36.71
N GLN D 26 -13.81 -35.01 -37.75
CA GLN D 26 -13.50 -36.43 -37.60
C GLN D 26 -12.28 -36.65 -36.70
N LEU D 27 -11.29 -35.77 -36.79
CA LEU D 27 -10.14 -35.85 -35.90
C LEU D 27 -10.53 -35.55 -34.45
N LYS D 28 -11.43 -34.59 -34.24
CA LYS D 28 -11.95 -34.33 -32.89
C LYS D 28 -12.77 -35.51 -32.37
N ASN D 29 -13.51 -36.18 -33.26
CA ASN D 29 -14.23 -37.40 -32.90
C ASN D 29 -13.27 -38.49 -32.44
N GLN D 30 -12.17 -38.68 -33.19
CA GLN D 30 -11.18 -39.70 -32.82
C GLN D 30 -10.48 -39.36 -31.51
N ILE D 31 -10.18 -38.07 -31.29
CA ILE D 31 -9.52 -37.66 -30.06
C ILE D 31 -10.42 -37.86 -28.85
N ARG D 32 -11.69 -37.45 -28.93
CA ARG D 32 -12.55 -37.64 -27.76
C ARG D 32 -13.01 -39.09 -27.60
N ASP D 33 -13.01 -39.90 -28.67
CA ASP D 33 -13.21 -41.33 -28.51
C ASP D 33 -12.04 -41.97 -27.78
N ALA D 34 -10.81 -41.53 -28.08
CA ALA D 34 -9.65 -42.02 -27.34
C ALA D 34 -9.69 -41.55 -25.88
N ARG D 35 -10.18 -40.32 -25.64
CA ARG D 35 -10.33 -39.83 -24.27
C ARG D 35 -11.38 -40.62 -23.51
N LYS D 36 -12.44 -41.07 -24.19
CA LYS D 36 -13.44 -41.92 -23.55
C LYS D 36 -12.89 -43.32 -23.31
N ALA D 37 -12.06 -43.82 -24.23
CA ALA D 37 -11.50 -45.17 -24.08
C ALA D 37 -10.43 -45.22 -22.98
N CYS D 38 -9.74 -44.12 -22.73
CA CYS D 38 -8.73 -44.11 -21.68
C CYS D 38 -9.32 -43.98 -20.27
N ALA D 39 -10.61 -43.64 -20.16
CA ALA D 39 -11.24 -43.45 -18.86
C ALA D 39 -11.98 -44.73 -18.45
N ASP D 40 -11.20 -45.72 -18.04
CA ASP D 40 -11.74 -46.99 -17.59
C ASP D 40 -12.07 -47.01 -16.10
N ALA D 41 -11.75 -45.94 -15.37
CA ALA D 41 -12.00 -45.88 -13.94
C ALA D 41 -12.28 -44.44 -13.55
N THR D 42 -12.24 -44.16 -12.24
CA THR D 42 -12.54 -42.84 -11.71
C THR D 42 -11.59 -42.56 -10.56
N LEU D 43 -11.07 -41.33 -10.52
CA LEU D 43 -10.16 -40.92 -9.44
C LEU D 43 -10.87 -40.89 -8.08
N SER D 44 -12.19 -40.60 -8.07
CA SER D 44 -12.94 -40.61 -6.83
C SER D 44 -13.12 -42.02 -6.28
N GLN D 45 -13.16 -43.02 -7.15
CA GLN D 45 -13.37 -44.39 -6.70
C GLN D 45 -12.09 -45.03 -6.18
N ILE D 46 -10.96 -44.76 -6.83
CA ILE D 46 -9.70 -45.41 -6.45
C ILE D 46 -9.15 -44.80 -5.17
N THR D 47 -9.37 -43.51 -4.94
CA THR D 47 -8.82 -42.79 -3.80
C THR D 47 -9.71 -42.91 -2.55
N ASN D 48 -10.57 -43.94 -2.49
CA ASN D 48 -11.40 -44.16 -1.32
C ASN D 48 -10.62 -44.74 -0.15
N ASN D 49 -9.48 -45.37 -0.41
CA ASN D 49 -8.71 -46.05 0.62
C ASN D 49 -7.79 -45.13 1.41
N ILE D 50 -7.80 -43.83 1.14
CA ILE D 50 -6.96 -42.88 1.85
C ILE D 50 -7.81 -42.18 2.91
N ASP D 51 -7.16 -41.74 3.98
CA ASP D 51 -7.85 -41.01 5.04
C ASP D 51 -8.03 -39.54 4.66
N PRO D 52 -9.11 -38.90 5.12
CA PRO D 52 -9.29 -37.47 4.86
C PRO D 52 -8.32 -36.63 5.68
N VAL D 53 -8.11 -35.40 5.20
CA VAL D 53 -7.15 -34.51 5.85
C VAL D 53 -7.76 -33.87 7.09
N GLY D 54 -9.06 -33.64 7.10
CA GLY D 54 -9.71 -32.97 8.21
C GLY D 54 -9.70 -31.47 8.04
N ARG D 55 -9.87 -30.78 9.16
CA ARG D 55 -9.96 -29.32 9.18
C ARG D 55 -8.56 -28.74 9.33
N ILE D 56 -8.08 -28.06 8.29
CA ILE D 56 -6.80 -27.38 8.33
C ILE D 56 -6.99 -25.99 8.95
N GLN D 57 -6.33 -25.74 10.06
CA GLN D 57 -6.39 -24.45 10.75
C GLN D 57 -5.05 -23.76 10.61
N MET D 58 -5.04 -22.64 9.90
CA MET D 58 -3.83 -21.87 9.63
C MET D 58 -3.98 -20.48 10.20
N ARG D 59 -2.91 -19.97 10.80
CA ARG D 59 -2.93 -18.68 11.46
C ARG D 59 -1.96 -17.71 10.79
N THR D 60 -2.33 -16.44 10.79
CA THR D 60 -1.51 -15.37 10.24
C THR D 60 -0.30 -15.15 11.14
N ARG D 61 0.90 -15.47 10.63
CA ARG D 61 2.12 -15.24 11.37
C ARG D 61 2.62 -13.81 11.19
N ARG D 62 2.72 -13.37 9.94
CA ARG D 62 3.17 -12.02 9.61
C ARG D 62 2.12 -11.31 8.78
N THR D 63 2.06 -9.98 8.93
CA THR D 63 1.17 -9.14 8.16
C THR D 63 2.00 -8.01 7.57
N LEU D 64 2.18 -8.00 6.26
CA LEU D 64 3.05 -7.06 5.60
C LEU D 64 2.28 -5.78 5.29
N ARG D 65 2.85 -4.64 5.66
CA ARG D 65 2.18 -3.35 5.58
C ARG D 65 3.09 -2.33 4.90
N GLY D 66 2.48 -1.42 4.16
CA GLY D 66 3.24 -0.41 3.44
C GLY D 66 2.86 -0.29 1.98
N HIS D 67 1.92 -1.10 1.53
CA HIS D 67 1.33 -0.97 0.20
C HIS D 67 0.14 -0.03 0.25
N LEU D 68 0.16 0.99 -0.60
CA LEU D 68 -0.95 1.93 -0.71
C LEU D 68 -1.72 1.77 -2.02
N ALA D 69 -1.82 0.53 -2.51
CA ALA D 69 -2.44 0.27 -3.81
C ALA D 69 -2.86 -1.20 -3.87
N LYS D 70 -3.51 -1.56 -4.96
CA LYS D 70 -4.06 -2.90 -5.13
C LYS D 70 -2.96 -3.87 -5.56
N ILE D 71 -2.67 -4.85 -4.70
CA ILE D 71 -1.71 -5.89 -5.02
C ILE D 71 -2.24 -6.77 -6.13
N TYR D 72 -1.45 -6.95 -7.20
CA TYR D 72 -1.89 -7.84 -8.27
C TYR D 72 -1.09 -9.13 -8.40
N ALA D 73 0.16 -9.17 -7.94
CA ALA D 73 0.94 -10.39 -8.10
C ALA D 73 2.02 -10.46 -7.04
N MET D 74 2.48 -11.68 -6.79
CA MET D 74 3.67 -11.92 -5.97
C MET D 74 4.39 -13.13 -6.53
N HIS D 75 5.60 -13.37 -6.01
CA HIS D 75 6.36 -14.57 -6.32
C HIS D 75 7.36 -14.80 -5.21
N TRP D 76 7.43 -16.04 -4.72
CA TRP D 76 8.39 -16.39 -3.68
C TRP D 76 9.81 -16.44 -4.21
N GLY D 77 10.76 -16.33 -3.29
CA GLY D 77 12.16 -16.49 -3.62
C GLY D 77 12.60 -17.95 -3.60
N THR D 78 13.79 -18.19 -4.14
CA THR D 78 14.34 -19.53 -4.17
C THR D 78 14.93 -19.97 -2.83
N ASP D 79 15.16 -19.05 -1.90
CA ASP D 79 15.67 -19.37 -0.58
C ASP D 79 14.58 -19.45 0.48
N SER D 80 13.30 -19.41 0.06
CA SER D 80 12.11 -19.54 0.91
C SER D 80 11.99 -18.45 1.97
N ARG D 81 12.72 -17.33 1.82
CA ARG D 81 12.65 -16.24 2.78
C ARG D 81 12.21 -14.92 2.13
N LEU D 82 12.81 -14.55 1.02
CA LEU D 82 12.45 -13.31 0.34
C LEU D 82 11.27 -13.55 -0.58
N LEU D 83 10.51 -12.47 -0.83
CA LEU D 83 9.45 -12.52 -1.83
C LEU D 83 9.35 -11.16 -2.50
N VAL D 84 8.65 -11.12 -3.63
CA VAL D 84 8.44 -9.88 -4.38
C VAL D 84 6.94 -9.58 -4.36
N SER D 85 6.60 -8.29 -4.46
CA SER D 85 5.21 -7.87 -4.45
C SER D 85 5.00 -6.73 -5.43
N ALA D 86 3.89 -6.78 -6.17
CA ALA D 86 3.60 -5.84 -7.24
C ALA D 86 2.32 -5.08 -6.91
N SER D 87 2.44 -3.75 -6.79
CA SER D 87 1.29 -2.91 -6.50
C SER D 87 1.04 -1.95 -7.65
N GLN D 88 -0.09 -1.24 -7.57
CA GLN D 88 -0.56 -0.38 -8.65
C GLN D 88 -0.22 1.10 -8.44
N ASP D 89 0.61 1.41 -7.45
CA ASP D 89 1.20 2.73 -7.34
C ASP D 89 2.55 2.83 -8.03
N GLY D 90 2.95 1.77 -8.73
CA GLY D 90 4.24 1.74 -9.41
C GLY D 90 5.35 1.22 -8.53
N LYS D 91 5.06 0.23 -7.70
CA LYS D 91 6.02 -0.26 -6.72
C LYS D 91 6.17 -1.78 -6.80
N LEU D 92 7.43 -2.22 -6.87
CA LEU D 92 7.80 -3.61 -6.61
C LEU D 92 8.56 -3.63 -5.29
N ILE D 93 8.03 -4.32 -4.29
CA ILE D 93 8.64 -4.35 -2.96
C ILE D 93 9.12 -5.76 -2.66
N ILE D 94 10.38 -5.89 -2.30
CA ILE D 94 10.97 -7.16 -1.91
C ILE D 94 10.84 -7.29 -0.39
N TRP D 95 10.04 -8.25 0.05
CA TRP D 95 9.74 -8.46 1.45
C TRP D 95 10.63 -9.54 2.04
N ASP D 96 11.21 -9.24 3.20
CA ASP D 96 11.85 -10.23 4.07
C ASP D 96 10.74 -10.80 4.95
N SER D 97 10.29 -12.01 4.64
CA SER D 97 9.09 -12.56 5.26
C SER D 97 9.28 -13.02 6.71
N TYR D 98 10.52 -13.11 7.19
CA TYR D 98 10.71 -13.51 8.58
C TYR D 98 10.61 -12.34 9.55
N THR D 99 11.23 -11.20 9.22
CA THR D 99 11.33 -10.07 10.14
C THR D 99 10.59 -8.83 9.64
N THR D 100 9.70 -9.00 8.66
CA THR D 100 8.75 -7.98 8.17
C THR D 100 9.47 -6.77 7.55
N ASN D 101 10.75 -6.91 7.20
CA ASN D 101 11.50 -5.78 6.69
C ASN D 101 11.30 -5.62 5.19
N LYS D 102 11.50 -4.39 4.71
CA LYS D 102 11.43 -4.05 3.30
C LYS D 102 12.86 -4.02 2.75
N VAL D 103 13.16 -4.95 1.85
CA VAL D 103 14.53 -5.07 1.35
C VAL D 103 14.79 -4.08 0.22
N HIS D 104 13.93 -4.07 -0.80
CA HIS D 104 14.02 -3.09 -1.87
C HIS D 104 12.63 -2.55 -2.19
N ALA D 105 12.59 -1.29 -2.64
CA ALA D 105 11.38 -0.66 -3.14
C ALA D 105 11.71 -0.09 -4.52
N ILE D 106 11.40 -0.86 -5.56
CA ILE D 106 11.71 -0.50 -6.93
C ILE D 106 10.57 0.35 -7.47
N PRO D 107 10.82 1.60 -7.88
CA PRO D 107 9.78 2.37 -8.57
C PRO D 107 9.65 1.93 -10.01
N LEU D 108 8.42 1.95 -10.51
CA LEU D 108 8.09 1.44 -11.83
C LEU D 108 7.81 2.58 -12.79
N ARG D 109 8.24 2.41 -14.04
CA ARG D 109 7.98 3.42 -15.06
C ARG D 109 6.51 3.44 -15.47
N SER D 110 5.84 2.29 -15.41
CA SER D 110 4.42 2.19 -15.67
C SER D 110 3.75 1.57 -14.46
N SER D 111 2.74 2.26 -13.93
CA SER D 111 2.06 1.79 -12.72
C SER D 111 1.15 0.61 -12.98
N TRP D 112 0.74 0.38 -14.24
CA TRP D 112 -0.23 -0.65 -14.56
C TRP D 112 0.51 -1.96 -14.77
N VAL D 113 0.72 -2.69 -13.68
CA VAL D 113 1.51 -3.92 -13.67
C VAL D 113 0.62 -5.05 -13.17
N MET D 114 0.52 -6.12 -13.96
CA MET D 114 -0.36 -7.23 -13.66
C MET D 114 0.37 -8.50 -13.25
N THR D 115 1.70 -8.54 -13.37
CA THR D 115 2.45 -9.74 -13.05
C THR D 115 3.86 -9.38 -12.62
N CYS D 116 4.49 -10.31 -11.92
CA CYS D 116 5.87 -10.17 -11.48
C CYS D 116 6.45 -11.56 -11.23
N ALA D 117 7.76 -11.67 -11.34
CA ALA D 117 8.45 -12.94 -11.15
C ALA D 117 9.78 -12.69 -10.45
N TYR D 118 10.32 -13.76 -9.88
CA TYR D 118 11.61 -13.72 -9.19
C TYR D 118 12.50 -14.81 -9.75
N ALA D 119 13.79 -14.53 -9.80
CA ALA D 119 14.73 -15.43 -10.46
C ALA D 119 15.05 -16.64 -9.60
N PRO D 120 15.31 -17.80 -10.22
CA PRO D 120 15.78 -18.96 -9.44
C PRO D 120 17.19 -18.79 -8.89
N SER D 121 17.97 -17.85 -9.41
CA SER D 121 19.27 -17.51 -8.84
C SER D 121 19.20 -16.32 -7.90
N GLY D 122 18.07 -15.61 -7.85
CA GLY D 122 17.93 -14.47 -6.97
C GLY D 122 18.50 -13.17 -7.50
N ASN D 123 18.84 -13.11 -8.78
CA ASN D 123 19.51 -11.94 -9.34
C ASN D 123 18.58 -10.96 -10.03
N TYR D 124 17.52 -11.45 -10.68
CA TYR D 124 16.68 -10.60 -11.52
C TYR D 124 15.22 -10.65 -11.07
N VAL D 125 14.49 -9.59 -11.40
CA VAL D 125 13.07 -9.46 -11.12
C VAL D 125 12.37 -8.99 -12.40
N ALA D 126 11.36 -9.74 -12.84
CA ALA D 126 10.57 -9.36 -13.99
C ALA D 126 9.30 -8.65 -13.55
N CYS D 127 8.80 -7.76 -14.42
CA CYS D 127 7.52 -7.13 -14.20
C CYS D 127 6.90 -6.76 -15.54
N GLY D 128 5.58 -6.86 -15.64
CA GLY D 128 4.90 -6.53 -16.87
C GLY D 128 3.44 -6.24 -16.60
N GLY D 129 2.80 -5.63 -17.61
CA GLY D 129 1.41 -5.26 -17.47
C GLY D 129 0.79 -4.71 -18.73
N LEU D 130 0.05 -3.61 -18.60
CA LEU D 130 -0.66 -3.01 -19.71
C LEU D 130 0.24 -2.16 -20.61
N ASP D 131 1.50 -1.95 -20.23
CA ASP D 131 2.44 -1.18 -21.04
C ASP D 131 3.09 -2.04 -22.13
N ASN D 132 2.76 -3.34 -22.17
CA ASN D 132 3.19 -4.31 -23.19
C ASN D 132 4.71 -4.51 -23.23
N ILE D 133 5.40 -4.23 -22.12
CA ILE D 133 6.85 -4.31 -22.04
C ILE D 133 7.21 -5.17 -20.83
N CYS D 134 8.04 -6.18 -21.04
CA CYS D 134 8.54 -7.02 -19.96
C CYS D 134 9.85 -6.42 -19.46
N SER D 135 9.82 -5.83 -18.26
CA SER D 135 11.00 -5.19 -17.71
C SER D 135 11.74 -6.16 -16.80
N ILE D 136 13.04 -6.29 -17.02
CA ILE D 136 13.92 -7.18 -16.27
C ILE D 136 14.87 -6.28 -15.48
N TYR D 137 14.88 -6.45 -14.16
CA TYR D 137 15.61 -5.62 -13.22
C TYR D 137 16.71 -6.44 -12.57
N ASN D 138 17.89 -5.84 -12.40
CA ASN D 138 19.04 -6.49 -11.79
C ASN D 138 19.16 -6.04 -10.34
N LEU D 139 19.23 -7.00 -9.43
CA LEU D 139 19.25 -6.72 -8.00
C LEU D 139 20.66 -6.59 -7.44
N LYS D 140 21.63 -7.29 -8.02
CA LYS D 140 22.98 -7.40 -7.46
C LYS D 140 23.95 -6.43 -8.12
N THR D 141 23.51 -5.22 -8.42
CA THR D 141 24.35 -4.24 -9.10
C THR D 141 25.43 -3.70 -8.18
N ARG D 142 26.56 -3.33 -8.77
CA ARG D 142 27.66 -2.73 -8.03
C ARG D 142 27.33 -1.31 -7.58
N GLU D 143 26.43 -0.63 -8.30
CA GLU D 143 26.07 0.75 -7.97
C GLU D 143 25.29 0.83 -6.66
N GLY D 144 24.56 -0.22 -6.30
CA GLY D 144 23.86 -0.27 -5.04
C GLY D 144 22.36 -0.07 -5.14
N ASN D 145 21.87 0.39 -6.28
CA ASN D 145 20.45 0.56 -6.51
C ASN D 145 19.98 -0.36 -7.64
N VAL D 146 18.70 -0.71 -7.61
CA VAL D 146 18.12 -1.60 -8.61
C VAL D 146 17.68 -0.74 -9.79
N ARG D 147 18.33 -0.92 -10.93
CA ARG D 147 18.06 -0.15 -12.14
C ARG D 147 17.48 -1.07 -13.21
N VAL D 148 16.97 -0.45 -14.28
CA VAL D 148 16.39 -1.20 -15.38
C VAL D 148 17.51 -1.83 -16.19
N SER D 149 17.48 -3.16 -16.32
CA SER D 149 18.49 -3.86 -17.10
C SER D 149 18.02 -4.17 -18.51
N ARG D 150 16.82 -4.74 -18.67
CA ARG D 150 16.32 -5.05 -20.00
C ARG D 150 14.85 -4.67 -20.11
N GLU D 151 14.41 -4.39 -21.35
CA GLU D 151 13.02 -4.14 -21.65
C GLU D 151 12.64 -4.90 -22.92
N LEU D 152 11.67 -5.80 -22.81
CA LEU D 152 11.22 -6.64 -23.92
C LEU D 152 9.89 -6.10 -24.42
N ALA D 153 9.94 -5.25 -25.44
CA ALA D 153 8.76 -4.63 -26.03
C ALA D 153 8.36 -5.34 -27.32
N GLY D 154 7.99 -6.62 -27.20
CA GLY D 154 7.65 -7.39 -28.38
C GLY D 154 6.23 -7.91 -28.48
N HIS D 155 5.36 -7.53 -27.54
CA HIS D 155 3.98 -8.00 -27.53
C HIS D 155 3.03 -6.86 -27.87
N THR D 156 1.99 -7.18 -28.64
CA THR D 156 0.94 -6.23 -29.00
C THR D 156 -0.29 -6.35 -28.11
N GLY D 157 -0.30 -7.29 -27.17
CA GLY D 157 -1.38 -7.41 -26.21
C GLY D 157 -0.83 -7.29 -24.79
N TYR D 158 -1.75 -7.18 -23.84
CA TYR D 158 -1.38 -6.96 -22.44
C TYR D 158 -0.64 -8.16 -21.87
N LEU D 159 0.49 -7.91 -21.23
CA LEU D 159 1.33 -8.97 -20.69
C LEU D 159 0.72 -9.47 -19.39
N SER D 160 0.27 -10.72 -19.36
CA SER D 160 -0.50 -11.21 -18.23
C SER D 160 0.31 -12.02 -17.24
N CYS D 161 1.34 -12.74 -17.69
CA CYS D 161 2.19 -13.51 -16.78
C CYS D 161 3.56 -13.71 -17.40
N CYS D 162 4.56 -13.90 -16.55
CA CYS D 162 5.93 -14.14 -16.97
C CYS D 162 6.64 -14.97 -15.92
N ARG D 163 7.45 -15.93 -16.38
CA ARG D 163 8.17 -16.84 -15.49
C ARG D 163 9.59 -17.06 -16.00
N PHE D 164 10.52 -17.23 -15.07
CA PHE D 164 11.95 -17.40 -15.40
C PHE D 164 12.30 -18.88 -15.56
N LEU D 165 12.59 -19.30 -16.79
CA LEU D 165 13.19 -20.62 -16.97
C LEU D 165 14.62 -20.65 -16.43
N ASP D 166 15.39 -19.62 -16.73
CA ASP D 166 16.80 -19.53 -16.35
C ASP D 166 17.17 -18.05 -16.18
N ASP D 167 18.45 -17.81 -15.93
CA ASP D 167 18.95 -16.44 -15.82
C ASP D 167 18.84 -15.68 -17.14
N ASN D 168 19.03 -16.37 -18.26
CA ASN D 168 19.05 -15.74 -19.57
C ASN D 168 17.82 -16.12 -20.42
N GLN D 169 16.82 -16.77 -19.83
CA GLN D 169 15.62 -17.16 -20.55
C GLN D 169 14.39 -16.80 -19.74
N ILE D 170 13.34 -16.35 -20.44
CA ILE D 170 12.06 -16.04 -19.80
C ILE D 170 10.94 -16.37 -20.78
N VAL D 171 9.90 -17.03 -20.27
CA VAL D 171 8.67 -17.28 -21.02
C VAL D 171 7.63 -16.27 -20.59
N THR D 172 7.03 -15.58 -21.56
CA THR D 172 6.02 -14.57 -21.32
C THR D 172 4.72 -14.95 -22.00
N SER D 173 3.61 -14.62 -21.35
CA SER D 173 2.28 -14.83 -21.89
C SER D 173 1.56 -13.49 -21.99
N SER D 174 0.91 -13.25 -23.12
CA SER D 174 0.39 -11.93 -23.43
C SER D 174 -1.04 -12.03 -23.93
N GLY D 175 -1.65 -10.85 -24.10
CA GLY D 175 -3.02 -10.70 -24.56
C GLY D 175 -3.23 -10.71 -26.05
N ASP D 176 -2.17 -10.94 -26.84
CA ASP D 176 -2.29 -11.08 -28.28
C ASP D 176 -2.42 -12.55 -28.72
N THR D 177 -2.96 -13.40 -27.85
CA THR D 177 -3.22 -14.83 -28.05
C THR D 177 -1.96 -15.63 -28.38
N THR D 178 -0.78 -15.13 -27.99
CA THR D 178 0.48 -15.80 -28.25
C THR D 178 1.29 -15.89 -26.96
N CYS D 179 2.25 -16.79 -26.96
CA CYS D 179 3.27 -16.87 -25.91
C CYS D 179 4.64 -16.67 -26.53
N ALA D 180 5.65 -16.42 -25.70
CA ALA D 180 6.97 -16.16 -26.23
C ALA D 180 8.05 -16.69 -25.32
N LEU D 181 9.07 -17.29 -25.93
CA LEU D 181 10.33 -17.63 -25.27
C LEU D 181 11.38 -16.64 -25.72
N TRP D 182 11.96 -15.91 -24.77
CA TRP D 182 12.82 -14.78 -25.04
C TRP D 182 14.29 -15.13 -24.82
N ASP D 183 15.14 -14.17 -25.14
CA ASP D 183 16.55 -14.19 -24.75
C ASP D 183 16.86 -12.84 -24.13
N ILE D 184 17.31 -12.84 -22.88
CA ILE D 184 17.38 -11.61 -22.11
C ILE D 184 18.59 -10.77 -22.54
N GLU D 185 19.75 -11.40 -22.75
CA GLU D 185 20.95 -10.64 -23.06
C GLU D 185 20.93 -10.06 -24.47
N THR D 186 20.09 -10.58 -25.36
CA THR D 186 19.98 -10.03 -26.71
C THR D 186 18.86 -8.99 -26.81
N GLY D 187 17.67 -9.33 -26.31
CA GLY D 187 16.52 -8.45 -26.36
C GLY D 187 15.45 -8.82 -27.35
N GLN D 188 15.58 -9.96 -28.02
CA GLN D 188 14.59 -10.43 -28.98
C GLN D 188 14.11 -11.82 -28.58
N GLN D 189 12.90 -12.15 -29.01
CA GLN D 189 12.31 -13.44 -28.71
C GLN D 189 12.91 -14.54 -29.58
N THR D 190 13.10 -15.71 -28.99
CA THR D 190 13.64 -16.85 -29.71
C THR D 190 12.58 -17.80 -30.22
N THR D 191 11.41 -17.84 -29.59
CA THR D 191 10.34 -18.74 -30.02
C THR D 191 9.00 -18.05 -29.82
N THR D 192 8.14 -18.13 -30.83
CA THR D 192 6.79 -17.55 -30.76
C THR D 192 5.78 -18.71 -30.79
N PHE D 193 4.94 -18.78 -29.76
CA PHE D 193 3.96 -19.84 -29.61
C PHE D 193 2.60 -19.30 -30.04
N THR D 194 2.09 -19.82 -31.15
CA THR D 194 0.80 -19.40 -31.69
C THR D 194 -0.15 -20.59 -31.73
N GLY D 195 -1.44 -20.31 -31.62
CA GLY D 195 -2.43 -21.36 -31.64
C GLY D 195 -3.62 -21.11 -30.72
N HIS D 196 -3.47 -20.15 -29.80
CA HIS D 196 -4.57 -19.76 -28.94
C HIS D 196 -5.54 -18.86 -29.68
N THR D 197 -6.84 -19.03 -29.41
CA THR D 197 -7.87 -18.16 -29.94
C THR D 197 -8.43 -17.22 -28.87
N GLY D 198 -7.85 -17.23 -27.66
CA GLY D 198 -8.28 -16.34 -26.61
C GLY D 198 -7.08 -15.76 -25.88
N ASP D 199 -7.36 -14.80 -25.00
CA ASP D 199 -6.31 -14.09 -24.30
C ASP D 199 -5.70 -15.00 -23.23
N VAL D 200 -4.40 -15.25 -23.33
CA VAL D 200 -3.71 -16.14 -22.39
C VAL D 200 -3.52 -15.40 -21.08
N MET D 201 -4.10 -15.93 -20.01
CA MET D 201 -4.14 -15.21 -18.74
C MET D 201 -3.13 -15.68 -17.72
N SER D 202 -2.76 -16.96 -17.73
CA SER D 202 -1.91 -17.51 -16.69
C SER D 202 -0.85 -18.43 -17.29
N LEU D 203 0.24 -18.59 -16.56
CA LEU D 203 1.39 -19.35 -17.03
C LEU D 203 2.04 -20.06 -15.85
N SER D 204 2.43 -21.32 -16.07
CA SER D 204 3.07 -22.12 -15.05
C SER D 204 4.15 -22.99 -15.67
N LEU D 205 5.35 -22.95 -15.10
CA LEU D 205 6.45 -23.76 -15.60
C LEU D 205 6.51 -25.11 -14.90
N ALA D 206 7.06 -26.10 -15.61
CA ALA D 206 7.29 -27.40 -15.04
C ALA D 206 8.45 -27.34 -14.05
N PRO D 207 8.52 -28.28 -13.09
CA PRO D 207 9.67 -28.29 -12.16
C PRO D 207 11.00 -28.58 -12.82
N ASP D 208 11.04 -29.38 -13.88
CA ASP D 208 12.29 -29.64 -14.60
C ASP D 208 12.57 -28.60 -15.68
N THR D 209 11.70 -27.59 -15.84
CA THR D 209 11.83 -26.47 -16.78
C THR D 209 11.99 -26.93 -18.23
N ARG D 210 11.37 -28.06 -18.59
CA ARG D 210 11.40 -28.54 -19.96
C ARG D 210 10.11 -28.27 -20.71
N LEU D 211 8.99 -28.11 -20.01
CA LEU D 211 7.70 -27.85 -20.64
C LEU D 211 6.99 -26.75 -19.86
N PHE D 212 5.89 -26.26 -20.43
CA PHE D 212 4.98 -25.38 -19.71
C PHE D 212 3.60 -25.53 -20.31
N VAL D 213 2.60 -25.00 -19.60
CA VAL D 213 1.21 -25.07 -20.01
C VAL D 213 0.59 -23.69 -19.81
N SER D 214 -0.26 -23.29 -20.75
CA SER D 214 -0.85 -21.96 -20.74
C SER D 214 -2.37 -22.05 -20.85
N GLY D 215 -3.06 -21.27 -20.03
CA GLY D 215 -4.51 -21.20 -20.04
C GLY D 215 -4.97 -19.87 -20.62
N ALA D 216 -5.98 -19.92 -21.48
CA ALA D 216 -6.46 -18.75 -22.20
C ALA D 216 -7.96 -18.61 -21.99
N CYS D 217 -8.53 -17.57 -22.60
CA CYS D 217 -9.95 -17.26 -22.48
C CYS D 217 -10.83 -18.10 -23.40
N ASP D 218 -10.26 -19.02 -24.17
CA ASP D 218 -11.05 -19.92 -25.01
C ASP D 218 -11.41 -21.23 -24.30
N ALA D 219 -11.34 -21.23 -22.96
CA ALA D 219 -11.68 -22.38 -22.10
C ALA D 219 -10.85 -23.62 -22.41
N SER D 220 -9.63 -23.43 -22.89
CA SER D 220 -8.73 -24.54 -23.19
C SER D 220 -7.35 -24.23 -22.65
N ALA D 221 -6.64 -25.28 -22.23
CA ALA D 221 -5.28 -25.16 -21.74
C ALA D 221 -4.35 -25.94 -22.67
N LYS D 222 -3.31 -25.29 -23.15
CA LYS D 222 -2.41 -25.88 -24.14
C LYS D 222 -1.04 -26.14 -23.54
N LEU D 223 -0.54 -27.36 -23.74
CA LEU D 223 0.81 -27.73 -23.34
C LEU D 223 1.78 -27.40 -24.48
N TRP D 224 2.82 -26.64 -24.17
CA TRP D 224 3.80 -26.23 -25.17
C TRP D 224 5.12 -26.93 -24.90
N ASP D 225 6.04 -26.81 -25.86
CA ASP D 225 7.36 -27.40 -25.77
C ASP D 225 8.40 -26.29 -25.90
N VAL D 226 9.35 -26.26 -24.96
CA VAL D 226 10.36 -25.21 -24.96
C VAL D 226 11.37 -25.46 -26.08
N ARG D 227 11.84 -26.70 -26.21
CA ARG D 227 12.90 -27.00 -27.16
C ARG D 227 12.39 -27.00 -28.59
N GLU D 228 11.24 -27.63 -28.84
CA GLU D 228 10.74 -27.73 -30.21
C GLU D 228 10.01 -26.47 -30.64
N GLY D 229 9.12 -25.96 -29.79
CA GLY D 229 8.40 -24.75 -30.08
C GLY D 229 7.01 -24.91 -30.67
N MET D 230 6.30 -25.98 -30.32
CA MET D 230 4.95 -26.21 -30.84
C MET D 230 4.14 -26.98 -29.82
N CYS D 231 2.81 -26.89 -29.96
CA CYS D 231 1.91 -27.48 -28.98
C CYS D 231 1.86 -28.99 -29.10
N ARG D 232 1.59 -29.64 -27.98
CA ARG D 232 1.50 -31.10 -27.91
C ARG D 232 0.14 -31.60 -27.47
N GLN D 233 -0.48 -30.95 -26.48
CA GLN D 233 -1.76 -31.38 -25.95
C GLN D 233 -2.65 -30.17 -25.73
N THR D 234 -3.96 -30.38 -25.85
CA THR D 234 -4.96 -29.34 -25.65
C THR D 234 -6.08 -29.91 -24.79
N PHE D 235 -6.43 -29.19 -23.72
CA PHE D 235 -7.40 -29.65 -22.75
C PHE D 235 -8.61 -28.73 -22.77
N THR D 236 -9.80 -29.32 -22.83
CA THR D 236 -11.07 -28.61 -22.78
C THR D 236 -11.87 -29.10 -21.58
N GLY D 237 -13.02 -28.47 -21.36
CA GLY D 237 -13.87 -28.85 -20.24
C GLY D 237 -14.43 -27.66 -19.49
N HIS D 238 -13.72 -26.54 -19.54
CA HIS D 238 -14.18 -25.32 -18.89
C HIS D 238 -15.30 -24.67 -19.68
N GLU D 239 -16.13 -23.90 -18.98
CA GLU D 239 -17.24 -23.19 -19.58
C GLU D 239 -17.02 -21.69 -19.66
N SER D 240 -15.92 -21.18 -19.12
CA SER D 240 -15.66 -19.75 -19.10
C SER D 240 -14.16 -19.53 -19.19
N ASP D 241 -13.72 -18.32 -18.86
CA ASP D 241 -12.32 -17.93 -19.01
C ASP D 241 -11.47 -18.56 -17.90
N ILE D 242 -10.26 -18.96 -18.26
CA ILE D 242 -9.31 -19.57 -17.34
C ILE D 242 -8.39 -18.48 -16.80
N ASN D 243 -8.31 -18.36 -15.47
CA ASN D 243 -7.53 -17.30 -14.85
C ASN D 243 -6.26 -17.79 -14.16
N ALA D 244 -6.19 -19.06 -13.78
CA ALA D 244 -5.06 -19.55 -13.00
C ALA D 244 -4.67 -20.95 -13.47
N ILE D 245 -3.39 -21.27 -13.30
CA ILE D 245 -2.86 -22.58 -13.67
C ILE D 245 -1.60 -22.83 -12.85
N CYS D 246 -1.34 -24.10 -12.53
CA CYS D 246 -0.20 -24.48 -11.70
C CYS D 246 0.04 -25.98 -11.86
N PHE D 247 1.30 -26.36 -12.04
CA PHE D 247 1.66 -27.77 -12.14
C PHE D 247 1.59 -28.47 -10.78
N PHE D 248 1.20 -29.74 -10.82
CA PHE D 248 1.45 -30.64 -9.70
C PHE D 248 2.96 -30.85 -9.59
N PRO D 249 3.51 -30.96 -8.38
CA PRO D 249 4.98 -30.91 -8.21
C PRO D 249 5.78 -32.06 -8.80
N ASN D 250 5.16 -33.10 -9.36
CA ASN D 250 5.93 -34.13 -10.04
C ASN D 250 6.24 -33.79 -11.49
N GLY D 251 5.55 -32.80 -12.06
CA GLY D 251 5.72 -32.45 -13.46
C GLY D 251 4.86 -33.23 -14.42
N ASN D 252 3.78 -33.86 -13.94
CA ASN D 252 2.92 -34.68 -14.80
C ASN D 252 1.48 -34.22 -14.86
N ALA D 253 0.98 -33.50 -13.86
CA ALA D 253 -0.40 -33.03 -13.84
C ALA D 253 -0.42 -31.55 -13.53
N PHE D 254 -1.57 -30.92 -13.73
CA PHE D 254 -1.71 -29.50 -13.44
C PHE D 254 -3.17 -29.17 -13.17
N ALA D 255 -3.39 -28.15 -12.35
CA ALA D 255 -4.72 -27.72 -11.96
C ALA D 255 -5.02 -26.35 -12.56
N THR D 256 -6.27 -26.17 -13.01
CA THR D 256 -6.72 -24.94 -13.62
C THR D 256 -7.89 -24.36 -12.84
N GLY D 257 -7.96 -23.04 -12.82
CA GLY D 257 -9.05 -22.32 -12.19
C GLY D 257 -9.74 -21.41 -13.20
N SER D 258 -11.06 -21.38 -13.15
CA SER D 258 -11.87 -20.68 -14.15
C SER D 258 -12.75 -19.62 -13.47
N ASP D 259 -13.62 -18.99 -14.27
CA ASP D 259 -14.66 -18.13 -13.74
C ASP D 259 -15.96 -18.87 -13.47
N ASP D 260 -15.98 -20.18 -13.68
CA ASP D 260 -17.16 -21.01 -13.45
C ASP D 260 -17.24 -21.52 -12.02
N ALA D 261 -16.45 -20.93 -11.10
CA ALA D 261 -16.34 -21.31 -9.68
C ALA D 261 -15.91 -22.77 -9.48
N THR D 262 -15.21 -23.34 -10.47
CA THR D 262 -14.75 -24.72 -10.42
C THR D 262 -13.26 -24.77 -10.70
N CYS D 263 -12.57 -25.64 -9.99
CA CYS D 263 -11.20 -25.99 -10.34
C CYS D 263 -11.20 -27.35 -11.04
N ARG D 264 -10.20 -27.59 -11.88
CA ARG D 264 -10.14 -28.85 -12.60
C ARG D 264 -8.72 -29.38 -12.62
N LEU D 265 -8.58 -30.69 -12.38
CA LEU D 265 -7.27 -31.35 -12.37
C LEU D 265 -7.08 -32.10 -13.69
N PHE D 266 -6.18 -31.60 -14.53
CA PHE D 266 -5.85 -32.24 -15.80
C PHE D 266 -4.53 -33.00 -15.67
N ASP D 267 -4.42 -34.07 -16.45
CA ASP D 267 -3.23 -34.92 -16.46
C ASP D 267 -2.68 -34.98 -17.86
N LEU D 268 -1.34 -34.94 -17.97
CA LEU D 268 -0.70 -34.90 -19.28
C LEU D 268 -0.63 -36.28 -19.93
N ARG D 269 -0.40 -37.32 -19.14
CA ARG D 269 -0.26 -38.66 -19.70
C ARG D 269 -1.60 -39.27 -20.06
N ALA D 270 -2.61 -39.10 -19.20
CA ALA D 270 -3.95 -39.60 -19.52
C ALA D 270 -4.66 -38.72 -20.55
N ASP D 271 -4.25 -37.45 -20.66
CA ASP D 271 -4.80 -36.47 -21.62
C ASP D 271 -6.30 -36.28 -21.42
N GLN D 272 -6.71 -36.16 -20.15
CA GLN D 272 -8.10 -35.89 -19.79
C GLN D 272 -8.13 -35.30 -18.40
N GLU D 273 -9.29 -34.76 -18.03
CA GLU D 273 -9.45 -34.23 -16.69
C GLU D 273 -9.60 -35.37 -15.68
N LEU D 274 -9.25 -35.08 -14.43
CA LEU D 274 -9.29 -36.07 -13.37
C LEU D 274 -10.38 -35.80 -12.34
N MET D 275 -10.46 -34.58 -11.83
CA MET D 275 -11.41 -34.28 -10.77
C MET D 275 -11.78 -32.80 -10.79
N THR D 276 -13.05 -32.52 -10.51
CA THR D 276 -13.60 -31.17 -10.50
C THR D 276 -13.84 -30.74 -9.05
N TYR D 277 -13.35 -29.56 -8.70
CA TYR D 277 -13.40 -29.02 -7.34
C TYR D 277 -14.44 -27.91 -7.33
N SER D 278 -15.62 -28.22 -6.77
CA SER D 278 -16.73 -27.28 -6.78
C SER D 278 -17.53 -27.43 -5.50
N HIS D 279 -18.28 -26.37 -5.17
CA HIS D 279 -19.21 -26.39 -4.06
C HIS D 279 -20.40 -25.52 -4.42
N ASP D 280 -21.55 -25.80 -3.79
CA ASP D 280 -22.83 -25.34 -4.33
C ASP D 280 -23.06 -23.85 -4.11
N ASN D 281 -22.68 -23.30 -2.96
CA ASN D 281 -22.94 -21.89 -2.70
C ASN D 281 -21.89 -20.95 -3.27
N ILE D 282 -20.85 -21.48 -3.92
CA ILE D 282 -19.77 -20.68 -4.47
C ILE D 282 -20.08 -20.41 -5.94
N ILE D 283 -20.31 -19.15 -6.28
CA ILE D 283 -20.57 -18.74 -7.66
C ILE D 283 -19.48 -17.84 -8.21
N CYS D 284 -18.47 -17.51 -7.41
CA CYS D 284 -17.45 -16.54 -7.78
C CYS D 284 -16.21 -17.24 -8.33
N GLY D 285 -15.49 -16.52 -9.19
CA GLY D 285 -14.38 -17.11 -9.92
C GLY D 285 -13.13 -17.31 -9.08
N ILE D 286 -12.15 -17.95 -9.71
CA ILE D 286 -10.87 -18.28 -9.09
C ILE D 286 -9.81 -17.32 -9.61
N THR D 287 -9.03 -16.73 -8.72
CA THR D 287 -7.94 -15.85 -9.14
C THR D 287 -6.58 -16.54 -9.21
N SER D 288 -6.24 -17.37 -8.23
CA SER D 288 -4.92 -17.99 -8.20
C SER D 288 -4.99 -19.35 -7.51
N VAL D 289 -4.41 -20.36 -8.14
CA VAL D 289 -4.29 -21.69 -7.57
C VAL D 289 -2.82 -21.99 -7.30
N SER D 290 -2.58 -22.89 -6.35
CA SER D 290 -1.25 -23.35 -6.01
C SER D 290 -1.35 -24.69 -5.30
N PHE D 291 -0.21 -25.37 -5.20
CA PHE D 291 -0.08 -26.64 -4.51
C PHE D 291 0.83 -26.49 -3.30
N SER D 292 0.82 -27.50 -2.45
CA SER D 292 1.78 -27.63 -1.37
C SER D 292 3.03 -28.33 -1.90
N LYS D 293 3.95 -28.68 -0.99
CA LYS D 293 5.15 -29.40 -1.41
C LYS D 293 4.83 -30.85 -1.76
N SER D 294 3.91 -31.47 -1.02
CA SER D 294 3.52 -32.85 -1.27
C SER D 294 2.42 -32.97 -2.31
N GLY D 295 1.69 -31.88 -2.59
CA GLY D 295 0.59 -31.95 -3.52
C GLY D 295 -0.71 -32.48 -2.96
N ARG D 296 -0.81 -32.62 -1.63
CA ARG D 296 -2.04 -33.11 -1.03
C ARG D 296 -3.07 -32.01 -0.88
N LEU D 297 -2.63 -30.78 -0.61
CA LEU D 297 -3.51 -29.64 -0.43
C LEU D 297 -3.42 -28.71 -1.63
N LEU D 298 -4.57 -28.26 -2.12
CA LEU D 298 -4.65 -27.31 -3.22
C LEU D 298 -5.31 -26.04 -2.70
N LEU D 299 -4.57 -24.94 -2.71
CA LEU D 299 -5.09 -23.68 -2.23
C LEU D 299 -5.56 -22.84 -3.40
N ALA D 300 -6.76 -22.27 -3.28
CA ALA D 300 -7.35 -21.48 -4.35
C ALA D 300 -8.02 -20.26 -3.76
N GLY D 301 -7.61 -19.07 -4.22
CA GLY D 301 -8.23 -17.83 -3.79
C GLY D 301 -9.41 -17.48 -4.69
N TYR D 302 -10.53 -17.11 -4.07
CA TYR D 302 -11.75 -16.86 -4.82
C TYR D 302 -12.06 -15.36 -4.79
N ASP D 303 -13.21 -14.99 -5.33
CA ASP D 303 -13.66 -13.60 -5.34
C ASP D 303 -14.57 -13.27 -4.16
N ASP D 304 -14.84 -14.24 -3.27
CA ASP D 304 -15.67 -14.01 -2.10
C ASP D 304 -14.85 -13.59 -0.88
N PHE D 305 -13.74 -12.89 -1.12
CA PHE D 305 -12.84 -12.29 -0.13
C PHE D 305 -12.04 -13.33 0.64
N ASN D 306 -11.99 -14.57 0.15
CA ASN D 306 -11.43 -15.67 0.92
C ASN D 306 -10.55 -16.55 0.04
N CYS D 307 -9.82 -17.45 0.70
CA CYS D 307 -9.14 -18.57 0.06
C CYS D 307 -9.70 -19.87 0.63
N ASN D 308 -9.55 -20.95 -0.14
CA ASN D 308 -10.00 -22.26 0.31
C ASN D 308 -8.93 -23.30 0.04
N VAL D 309 -8.71 -24.16 1.04
CA VAL D 309 -7.76 -25.25 0.98
C VAL D 309 -8.57 -26.51 0.70
N TRP D 310 -8.53 -26.97 -0.55
CA TRP D 310 -9.20 -28.18 -0.97
C TRP D 310 -8.27 -29.38 -0.82
N ASP D 311 -8.85 -30.52 -0.49
CA ASP D 311 -8.11 -31.78 -0.55
C ASP D 311 -7.96 -32.18 -2.01
N ALA D 312 -6.71 -32.23 -2.49
CA ALA D 312 -6.44 -32.48 -3.90
C ALA D 312 -6.67 -33.92 -4.32
N LEU D 313 -7.02 -34.83 -3.40
CA LEU D 313 -7.30 -36.20 -3.74
C LEU D 313 -8.73 -36.63 -3.38
N LYS D 314 -9.45 -35.84 -2.59
CA LYS D 314 -10.81 -36.17 -2.18
C LYS D 314 -11.84 -35.10 -2.50
N ALA D 315 -11.41 -33.94 -3.03
CA ALA D 315 -12.27 -32.80 -3.39
C ALA D 315 -13.07 -32.26 -2.20
N ASP D 316 -12.54 -32.41 -0.99
CA ASP D 316 -13.22 -31.91 0.20
C ASP D 316 -12.68 -30.53 0.55
N ARG D 317 -13.58 -29.64 0.97
CA ARG D 317 -13.19 -28.31 1.41
C ARG D 317 -12.55 -28.40 2.79
N ALA D 318 -11.24 -28.58 2.83
CA ALA D 318 -10.56 -28.90 4.09
C ALA D 318 -10.26 -27.67 4.93
N GLY D 319 -10.19 -26.49 4.33
CA GLY D 319 -9.90 -25.30 5.11
C GLY D 319 -10.39 -24.03 4.45
N VAL D 320 -10.60 -23.01 5.27
CA VAL D 320 -11.02 -21.68 4.82
C VAL D 320 -10.05 -20.66 5.39
N LEU D 321 -9.48 -19.83 4.51
CA LEU D 321 -8.58 -18.74 4.90
C LEU D 321 -9.32 -17.42 4.69
N ALA D 322 -9.80 -16.84 5.79
CA ALA D 322 -10.52 -15.57 5.79
C ALA D 322 -9.69 -14.50 6.49
N GLY D 323 -9.97 -13.25 6.16
CA GLY D 323 -9.27 -12.15 6.78
C GLY D 323 -8.99 -10.98 5.87
N HIS D 324 -9.19 -11.17 4.56
CA HIS D 324 -8.99 -10.11 3.59
C HIS D 324 -10.27 -9.32 3.38
N ASP D 325 -10.13 -8.00 3.20
CA ASP D 325 -11.26 -7.11 3.06
C ASP D 325 -11.69 -6.90 1.61
N ASN D 326 -10.93 -7.41 0.64
CA ASN D 326 -11.28 -7.24 -0.76
C ASN D 326 -10.86 -8.53 -1.49
N ARG D 327 -10.93 -8.52 -2.82
CA ARG D 327 -10.70 -9.70 -3.63
C ARG D 327 -9.24 -10.16 -3.54
N VAL D 328 -9.04 -11.43 -3.18
CA VAL D 328 -7.72 -12.02 -3.11
C VAL D 328 -7.20 -12.23 -4.53
N SER D 329 -6.20 -11.45 -4.92
CA SER D 329 -5.70 -11.48 -6.29
C SER D 329 -4.65 -12.58 -6.50
N CYS D 330 -3.64 -12.65 -5.64
CA CYS D 330 -2.51 -13.54 -5.86
C CYS D 330 -2.31 -14.46 -4.66
N LEU D 331 -1.80 -15.64 -4.94
CA LEU D 331 -1.65 -16.70 -3.94
C LEU D 331 -0.38 -17.46 -4.22
N GLY D 332 0.52 -17.53 -3.25
CA GLY D 332 1.79 -18.19 -3.43
C GLY D 332 2.12 -19.12 -2.28
N VAL D 333 2.71 -20.26 -2.63
CA VAL D 333 3.20 -21.22 -1.65
C VAL D 333 4.71 -21.36 -1.87
N THR D 334 5.48 -21.26 -0.79
CA THR D 334 6.93 -21.25 -0.87
C THR D 334 7.47 -22.63 -1.25
N ASP D 335 8.79 -22.68 -1.47
CA ASP D 335 9.41 -23.86 -2.07
C ASP D 335 9.48 -25.02 -1.09
N ASP D 336 9.88 -24.76 0.15
CA ASP D 336 9.93 -25.82 1.15
C ASP D 336 8.57 -26.14 1.78
N GLY D 337 7.53 -25.37 1.44
CA GLY D 337 6.20 -25.70 1.90
C GLY D 337 5.85 -25.19 3.28
N MET D 338 6.59 -24.22 3.80
CA MET D 338 6.37 -23.76 5.18
C MET D 338 5.16 -22.83 5.27
N ALA D 339 5.22 -21.69 4.59
CA ALA D 339 4.21 -20.65 4.71
C ALA D 339 3.47 -20.46 3.39
N VAL D 340 2.35 -19.75 3.47
CA VAL D 340 1.54 -19.40 2.30
C VAL D 340 1.26 -17.90 2.33
N ALA D 341 1.67 -17.20 1.28
CA ALA D 341 1.41 -15.77 1.18
C ALA D 341 0.16 -15.52 0.34
N THR D 342 -0.72 -14.67 0.85
CA THR D 342 -1.96 -14.29 0.17
C THR D 342 -1.95 -12.78 -0.03
N GLY D 343 -2.09 -12.35 -1.27
CA GLY D 343 -2.18 -10.93 -1.59
C GLY D 343 -3.54 -10.60 -2.18
N SER D 344 -4.12 -9.50 -1.70
CA SER D 344 -5.49 -9.14 -2.01
C SER D 344 -5.54 -7.66 -2.40
N TRP D 345 -6.73 -7.21 -2.77
CA TRP D 345 -6.93 -5.82 -3.18
C TRP D 345 -7.12 -4.87 -2.02
N ASP D 346 -7.04 -5.34 -0.78
CA ASP D 346 -7.08 -4.47 0.39
C ASP D 346 -5.70 -3.99 0.83
N SER D 347 -4.68 -4.16 -0.03
CA SER D 347 -3.32 -3.66 0.12
C SER D 347 -2.55 -4.30 1.29
N PHE D 348 -2.93 -5.51 1.69
CA PHE D 348 -2.18 -6.22 2.73
C PHE D 348 -1.78 -7.61 2.22
N LEU D 349 -0.50 -7.95 2.39
CA LEU D 349 -0.02 -9.30 2.18
C LEU D 349 -0.06 -10.04 3.51
N LYS D 350 -0.77 -11.16 3.54
CA LYS D 350 -0.91 -11.95 4.77
C LYS D 350 -0.20 -13.27 4.62
N ILE D 351 0.65 -13.60 5.59
CA ILE D 351 1.41 -14.85 5.59
C ILE D 351 0.76 -15.79 6.58
N TRP D 352 0.42 -16.99 6.10
CA TRP D 352 -0.31 -18.00 6.86
C TRP D 352 0.57 -19.21 7.09
N ASN D 353 0.37 -19.85 8.24
CA ASN D 353 1.09 -21.07 8.58
C ASN D 353 0.22 -21.90 9.52
N ILE E 9 -9.58 -20.99 -44.78
CA ILE E 9 -8.99 -21.98 -45.66
C ILE E 9 -7.59 -22.36 -45.16
N ALA E 10 -6.72 -21.35 -45.02
CA ALA E 10 -5.37 -21.60 -44.52
C ALA E 10 -5.36 -21.93 -43.03
N GLN E 11 -6.29 -21.34 -42.27
CA GLN E 11 -6.37 -21.64 -40.83
C GLN E 11 -6.90 -23.05 -40.60
N ALA E 12 -7.83 -23.51 -41.43
CA ALA E 12 -8.42 -24.82 -41.26
C ALA E 12 -7.41 -25.94 -41.52
N ARG E 13 -6.50 -25.73 -42.49
CA ARG E 13 -5.45 -26.70 -42.74
C ARG E 13 -4.48 -26.78 -41.56
N LYS E 14 -4.18 -25.63 -40.94
CA LYS E 14 -3.34 -25.61 -39.75
C LYS E 14 -4.01 -26.30 -38.58
N LEU E 15 -5.34 -26.15 -38.46
CA LEU E 15 -6.07 -26.84 -37.39
C LEU E 15 -6.11 -28.35 -37.63
N VAL E 16 -6.25 -28.78 -38.89
CA VAL E 16 -6.20 -30.20 -39.22
C VAL E 16 -4.83 -30.78 -38.92
N GLU E 17 -3.76 -30.04 -39.27
CA GLU E 17 -2.40 -30.50 -38.98
C GLU E 17 -2.13 -30.55 -37.48
N GLN E 18 -2.68 -29.58 -36.72
CA GLN E 18 -2.51 -29.59 -35.27
C GLN E 18 -3.26 -30.75 -34.62
N LEU E 19 -4.46 -31.07 -35.13
CA LEU E 19 -5.18 -32.22 -34.59
C LEU E 19 -4.53 -33.54 -35.00
N LYS E 20 -3.88 -33.59 -36.16
CA LYS E 20 -3.12 -34.78 -36.54
C LYS E 20 -1.88 -34.96 -35.66
N MET E 21 -1.23 -33.86 -35.30
CA MET E 21 -0.09 -33.95 -34.38
C MET E 21 -0.54 -34.30 -32.97
N GLU E 22 -1.73 -33.84 -32.57
CA GLU E 22 -2.25 -34.18 -31.24
C GLU E 22 -2.72 -35.63 -31.16
N ALA E 23 -3.29 -36.16 -32.25
CA ALA E 23 -3.82 -37.51 -32.22
C ALA E 23 -2.73 -38.57 -32.17
N ASN E 24 -1.58 -38.31 -32.80
CA ASN E 24 -0.47 -39.26 -32.80
C ASN E 24 0.34 -39.06 -31.51
N ILE E 25 -0.21 -39.60 -30.42
CA ILE E 25 0.40 -39.46 -29.10
C ILE E 25 0.13 -40.77 -28.34
N ASP E 26 0.94 -41.02 -27.32
CA ASP E 26 0.81 -42.21 -26.49
C ASP E 26 0.08 -41.82 -25.21
N ARG E 27 -0.92 -42.62 -24.84
CA ARG E 27 -1.74 -42.36 -23.66
C ARG E 27 -1.81 -43.62 -22.80
N ILE E 28 -2.05 -43.41 -21.50
CA ILE E 28 -2.14 -44.50 -20.53
C ILE E 28 -3.52 -44.46 -19.89
N LYS E 29 -3.82 -45.51 -19.13
CA LYS E 29 -5.10 -45.61 -18.45
C LYS E 29 -5.12 -44.67 -17.23
N VAL E 30 -6.34 -44.38 -16.76
CA VAL E 30 -6.50 -43.47 -15.63
C VAL E 30 -6.18 -44.16 -14.30
N SER E 31 -6.14 -45.49 -14.26
CA SER E 31 -5.83 -46.19 -13.01
C SER E 31 -4.35 -46.07 -12.66
N LYS E 32 -3.47 -46.25 -13.65
CA LYS E 32 -2.04 -46.04 -13.41
C LYS E 32 -1.73 -44.58 -13.13
N ALA E 33 -2.47 -43.67 -13.76
CA ALA E 33 -2.32 -42.24 -13.48
C ALA E 33 -2.74 -41.91 -12.05
N ALA E 34 -3.83 -42.53 -11.58
CA ALA E 34 -4.27 -42.31 -10.20
C ALA E 34 -3.29 -42.92 -9.21
N ALA E 35 -2.69 -44.07 -9.55
CA ALA E 35 -1.69 -44.68 -8.68
C ALA E 35 -0.43 -43.82 -8.58
N ASP E 36 0.05 -43.32 -9.73
CA ASP E 36 1.22 -42.46 -9.72
C ASP E 36 0.92 -41.07 -9.17
N LEU E 37 -0.35 -40.67 -9.11
CA LEU E 37 -0.71 -39.42 -8.46
C LEU E 37 -0.78 -39.57 -6.95
N MET E 38 -1.27 -40.72 -6.47
CA MET E 38 -1.31 -40.97 -5.04
C MET E 38 0.05 -41.31 -4.47
N ALA E 39 0.94 -41.88 -5.28
CA ALA E 39 2.25 -42.30 -4.78
C ALA E 39 3.14 -41.11 -4.43
N TYR E 40 3.03 -40.00 -5.17
CA TYR E 40 3.81 -38.82 -4.85
C TYR E 40 3.32 -38.16 -3.57
N CYS E 41 2.01 -38.23 -3.29
CA CYS E 41 1.47 -37.66 -2.07
C CYS E 41 1.77 -38.54 -0.86
N GLU E 42 1.74 -39.86 -1.04
CA GLU E 42 2.00 -40.76 0.08
C GLU E 42 3.49 -40.89 0.37
N ALA E 43 4.36 -40.70 -0.62
CA ALA E 43 5.79 -40.81 -0.40
C ALA E 43 6.37 -39.57 0.26
N HIS E 44 5.84 -38.39 -0.06
CA HIS E 44 6.34 -37.12 0.47
C HIS E 44 5.41 -36.51 1.50
N ALA E 45 4.66 -37.35 2.22
CA ALA E 45 3.71 -36.85 3.21
C ALA E 45 4.40 -36.31 4.46
N LYS E 46 5.62 -36.77 4.75
CA LYS E 46 6.34 -36.30 5.93
C LYS E 46 7.09 -34.99 5.70
N GLU E 47 7.23 -34.55 4.45
CA GLU E 47 7.95 -33.33 4.11
C GLU E 47 7.02 -32.17 3.79
N ASP E 48 5.77 -32.24 4.23
CA ASP E 48 4.80 -31.19 3.96
C ASP E 48 4.44 -30.47 5.26
N PRO E 49 4.97 -29.26 5.50
CA PRO E 49 4.58 -28.53 6.71
C PRO E 49 3.14 -28.04 6.69
N LEU E 50 2.51 -27.91 5.53
CA LEU E 50 1.12 -27.51 5.47
C LEU E 50 0.18 -28.64 5.84
N LEU E 51 0.57 -29.89 5.56
CA LEU E 51 -0.29 -31.03 5.85
C LEU E 51 -0.31 -31.33 7.34
N THR E 52 0.85 -31.41 7.96
CA THR E 52 0.99 -31.68 9.38
C THR E 52 1.68 -30.51 10.06
N PRO E 53 1.13 -29.99 11.16
CA PRO E 53 1.72 -28.79 11.79
C PRO E 53 3.08 -29.09 12.42
N VAL E 54 4.06 -28.27 12.06
CA VAL E 54 5.43 -28.38 12.59
C VAL E 54 5.47 -27.69 13.93
N PRO E 55 6.15 -28.25 14.95
CA PRO E 55 6.31 -27.55 16.22
C PRO E 55 7.15 -26.29 16.08
N ALA E 56 7.00 -25.41 17.07
CA ALA E 56 7.55 -24.05 17.01
C ALA E 56 9.07 -23.99 17.11
N SER E 57 9.72 -25.09 17.51
CA SER E 57 11.18 -25.09 17.57
C SER E 57 11.80 -25.10 16.17
N GLU E 58 11.15 -25.77 15.22
CA GLU E 58 11.63 -25.81 13.84
C GLU E 58 10.94 -24.80 12.95
N ASN E 59 9.90 -24.12 13.43
CA ASN E 59 9.17 -23.14 12.63
C ASN E 59 9.96 -21.83 12.61
N PRO E 60 10.33 -21.32 11.43
CA PRO E 60 10.98 -20.00 11.38
C PRO E 60 10.00 -18.83 11.53
N PHE E 61 8.71 -19.08 11.39
CA PHE E 61 7.68 -18.04 11.52
C PHE E 61 7.13 -18.02 12.94
N ARG E 62 8.02 -17.76 13.90
CA ARG E 62 7.63 -17.70 15.30
C ARG E 62 6.88 -16.40 15.59
N GLU E 63 6.15 -16.40 16.70
CA GLU E 63 5.38 -15.24 17.11
C GLU E 63 6.29 -14.14 17.67
N VAL F 2 32.78 3.61 -9.33
CA VAL F 2 32.79 3.51 -7.88
C VAL F 2 34.15 3.92 -7.34
N GLN F 3 34.21 5.06 -6.65
CA GLN F 3 35.44 5.53 -6.05
C GLN F 3 35.14 6.41 -4.84
N LEU F 4 36.01 6.27 -3.84
CA LEU F 4 36.00 7.04 -2.60
C LEU F 4 37.35 7.71 -2.47
N VAL F 5 37.42 9.03 -2.65
CA VAL F 5 38.67 9.75 -2.59
C VAL F 5 38.56 10.76 -1.45
N GLU F 6 39.32 10.54 -0.38
CA GLU F 6 39.32 11.45 0.76
C GLU F 6 40.60 12.27 0.81
N SER F 7 40.48 13.47 1.38
CA SER F 7 41.58 14.41 1.46
C SER F 7 41.40 15.30 2.68
N GLY F 8 42.41 16.11 2.95
CA GLY F 8 42.42 17.04 4.06
C GLY F 8 43.52 16.80 5.07
N GLY F 9 44.29 15.71 4.94
CA GLY F 9 45.33 15.42 5.89
C GLY F 9 46.63 16.16 5.61
N GLY F 10 47.55 16.06 6.56
CA GLY F 10 48.84 16.72 6.44
C GLY F 10 49.45 16.91 7.82
N LEU F 11 50.46 17.79 7.86
CA LEU F 11 51.12 18.10 9.11
C LEU F 11 50.21 18.99 9.97
N VAL F 12 49.90 18.52 11.18
CA VAL F 12 49.00 19.21 12.09
C VAL F 12 49.77 19.60 13.35
N GLN F 13 49.57 20.84 13.79
CA GLN F 13 50.14 21.29 15.05
C GLN F 13 49.53 20.49 16.20
N PRO F 14 50.30 20.16 17.24
CA PRO F 14 49.78 19.34 18.35
C PRO F 14 48.77 20.13 19.19
N GLY F 15 47.57 19.59 19.30
CA GLY F 15 46.48 20.25 20.00
C GLY F 15 45.56 21.08 19.13
N GLY F 16 45.70 21.02 17.81
CA GLY F 16 44.89 21.81 16.90
C GLY F 16 43.63 21.08 16.46
N SER F 17 43.21 21.37 15.22
CA SER F 17 42.01 20.79 14.66
C SER F 17 42.18 20.64 13.16
N ARG F 18 41.42 19.71 12.58
CA ARG F 18 41.50 19.44 11.15
C ARG F 18 40.23 18.75 10.68
N LYS F 19 39.75 19.14 9.51
CA LYS F 19 38.55 18.54 8.92
C LYS F 19 38.93 17.80 7.65
N LEU F 20 38.46 16.56 7.55
CA LEU F 20 38.64 15.74 6.36
C LEU F 20 37.37 15.72 5.52
N SER F 21 37.53 15.43 4.24
CA SER F 21 36.40 15.34 3.34
C SER F 21 36.64 14.23 2.32
N CYS F 22 35.64 13.38 2.13
CA CYS F 22 35.68 12.27 1.20
C CYS F 22 34.63 12.47 0.11
N SER F 23 35.11 12.54 -1.13
CA SER F 23 34.26 12.64 -2.31
C SER F 23 33.93 11.23 -2.80
N ALA F 24 32.64 10.92 -2.84
CA ALA F 24 32.13 9.63 -3.26
C ALA F 24 31.47 9.78 -4.62
N SER F 25 31.84 8.93 -5.58
CA SER F 25 31.24 9.05 -6.90
C SER F 25 31.24 7.70 -7.59
N GLY F 26 30.16 7.42 -8.32
CA GLY F 26 30.00 6.18 -9.06
C GLY F 26 29.02 5.21 -8.46
N PHE F 27 28.33 5.58 -7.38
CA PHE F 27 27.39 4.70 -6.72
C PHE F 27 26.35 5.54 -5.99
N ALA F 28 25.32 4.86 -5.47
CA ALA F 28 24.25 5.49 -4.72
C ALA F 28 24.76 5.81 -3.32
N PHE F 29 25.09 7.09 -3.09
CA PHE F 29 25.65 7.50 -1.80
C PHE F 29 24.59 7.56 -0.71
N SER F 30 23.35 7.85 -1.06
CA SER F 30 22.30 8.12 -0.08
C SER F 30 21.80 6.88 0.63
N SER F 31 22.09 5.68 0.12
CA SER F 31 21.60 4.44 0.71
C SER F 31 22.69 3.63 1.39
N PHE F 32 23.88 4.20 1.60
CA PHE F 32 24.99 3.50 2.20
C PHE F 32 25.37 4.13 3.53
N GLY F 33 25.59 3.27 4.54
CA GLY F 33 26.20 3.70 5.77
C GLY F 33 27.71 3.74 5.64
N MET F 34 28.32 4.77 6.22
CA MET F 34 29.73 5.06 6.02
C MET F 34 30.53 4.88 7.30
N HIS F 35 31.71 4.27 7.16
CA HIS F 35 32.62 3.95 8.25
C HIS F 35 33.93 4.71 8.07
N TRP F 36 34.69 4.78 9.16
CA TRP F 36 36.04 5.32 9.16
C TRP F 36 36.94 4.34 9.89
N VAL F 37 38.04 3.95 9.24
CA VAL F 37 38.98 2.98 9.79
C VAL F 37 40.36 3.60 9.82
N ARG F 38 41.04 3.54 10.97
CA ARG F 38 42.37 4.09 11.06
C ARG F 38 43.39 2.96 11.17
N GLN F 39 44.64 3.28 10.79
CA GLN F 39 45.71 2.28 10.78
C GLN F 39 47.00 2.93 11.23
N ALA F 40 47.59 2.39 12.29
CA ALA F 40 48.91 2.80 12.72
C ALA F 40 49.96 2.39 11.68
N PRO F 41 51.08 3.11 11.59
CA PRO F 41 52.10 2.77 10.58
C PRO F 41 52.82 1.44 10.83
N GLU F 42 52.68 0.83 12.01
CA GLU F 42 53.31 -0.45 12.29
C GLU F 42 52.33 -1.45 12.92
N LYS F 43 51.12 -1.02 13.25
CA LYS F 43 50.13 -1.89 13.88
C LYS F 43 48.94 -2.08 12.94
N GLY F 44 47.91 -2.76 13.44
CA GLY F 44 46.77 -3.14 12.64
C GLY F 44 45.76 -2.02 12.46
N LEU F 45 44.65 -2.35 11.81
CA LEU F 45 43.57 -1.42 11.55
C LEU F 45 42.80 -1.14 12.84
N GLU F 46 41.99 -0.09 12.82
CA GLU F 46 41.19 0.28 13.99
C GLU F 46 39.99 1.13 13.56
N TRP F 47 38.79 0.70 13.96
CA TRP F 47 37.56 1.42 13.65
C TRP F 47 37.48 2.74 14.40
N VAL F 48 36.93 3.76 13.74
CA VAL F 48 36.81 5.10 14.32
C VAL F 48 35.35 5.50 14.55
N ALA F 49 34.54 5.51 13.49
CA ALA F 49 33.16 5.97 13.61
C ALA F 49 32.33 5.41 12.45
N TYR F 50 31.01 5.58 12.57
CA TYR F 50 30.07 5.11 11.56
C TYR F 50 28.79 5.91 11.62
N ILE F 51 28.37 6.43 10.47
CA ILE F 51 27.08 7.11 10.32
C ILE F 51 26.21 6.25 9.40
N SER F 52 24.92 6.18 9.70
CA SER F 52 24.02 5.31 8.94
C SER F 52 23.48 6.06 7.72
N SER F 53 22.62 5.37 6.96
CA SER F 53 21.99 5.98 5.80
C SER F 53 20.89 6.94 6.25
N GLY F 54 21.02 8.20 5.87
CA GLY F 54 20.09 9.23 6.30
C GLY F 54 20.44 9.90 7.61
N SER F 55 21.65 9.70 8.12
CA SER F 55 22.18 10.31 9.36
C SER F 55 21.32 9.97 10.58
N GLY F 56 20.72 8.79 10.59
CA GLY F 56 19.86 8.39 11.69
C GLY F 56 20.63 7.92 12.91
N THR F 57 21.38 6.84 12.75
CA THR F 57 22.10 6.20 13.84
C THR F 57 23.59 6.43 13.67
N ILE F 58 24.24 6.93 14.73
CA ILE F 58 25.66 7.28 14.70
C ILE F 58 26.36 6.53 15.82
N TYR F 59 27.41 5.80 15.49
CA TYR F 59 28.24 5.13 16.48
C TYR F 59 29.67 5.70 16.45
N TYR F 60 30.25 5.81 17.63
CA TYR F 60 31.63 6.22 17.83
C TYR F 60 32.39 5.11 18.54
N ALA F 61 33.72 5.18 18.48
CA ALA F 61 34.55 4.27 19.25
C ALA F 61 34.76 4.84 20.65
N ASP F 62 35.23 3.97 21.56
CA ASP F 62 35.37 4.36 22.96
C ASP F 62 36.57 5.28 23.20
N THR F 63 37.56 5.27 22.32
CA THR F 63 38.76 6.07 22.50
C THR F 63 38.74 7.38 21.73
N VAL F 64 37.73 7.62 20.89
CA VAL F 64 37.63 8.84 20.10
C VAL F 64 36.34 9.60 20.37
N LYS F 65 35.57 9.18 21.36
CA LYS F 65 34.29 9.82 21.65
C LYS F 65 34.50 11.19 22.28
N GLY F 66 33.73 12.17 21.78
CA GLY F 66 33.85 13.53 22.25
C GLY F 66 34.75 14.40 21.40
N ARG F 67 35.87 13.85 20.95
CA ARG F 67 36.80 14.62 20.12
C ARG F 67 36.32 14.71 18.67
N PHE F 68 35.98 13.58 18.06
CA PHE F 68 35.69 13.53 16.65
C PHE F 68 34.20 13.75 16.39
N THR F 69 33.88 14.19 15.18
CA THR F 69 32.50 14.44 14.78
C THR F 69 32.32 14.03 13.33
N ILE F 70 31.37 13.14 13.08
CA ILE F 70 31.08 12.63 11.74
C ILE F 70 29.83 13.34 11.22
N SER F 71 29.82 13.61 9.91
CA SER F 71 28.69 14.23 9.24
C SER F 71 28.76 13.87 7.76
N ARG F 72 27.59 13.85 7.11
CA ARG F 72 27.54 13.51 5.71
C ARG F 72 26.60 14.48 4.99
N ASP F 73 26.80 14.60 3.67
CA ASP F 73 25.98 15.48 2.86
C ASP F 73 25.63 14.73 1.58
N ASP F 74 24.38 14.31 1.48
CA ASP F 74 23.84 13.48 0.38
C ASP F 74 23.67 14.20 -0.96
N PRO F 75 23.25 15.47 -1.05
CA PRO F 75 23.30 16.12 -2.38
C PRO F 75 24.70 16.37 -2.87
N LYS F 76 25.63 16.77 -1.99
CA LYS F 76 27.00 16.97 -2.41
C LYS F 76 27.79 15.68 -2.52
N ASN F 77 27.25 14.57 -2.01
CA ASN F 77 27.88 13.24 -1.98
C ASN F 77 29.24 13.30 -1.28
N THR F 78 29.27 13.91 -0.11
CA THR F 78 30.55 14.18 0.56
C THR F 78 30.44 13.82 2.04
N LEU F 79 31.39 13.02 2.52
CA LEU F 79 31.46 12.66 3.92
C LEU F 79 32.54 13.50 4.61
N PHE F 80 32.20 14.11 5.74
CA PHE F 80 33.15 14.96 6.45
C PHE F 80 33.60 14.29 7.73
N LEU F 81 34.70 14.80 8.30
CA LEU F 81 35.21 14.28 9.56
C LEU F 81 35.91 15.43 10.29
N GLN F 82 35.23 16.03 11.25
CA GLN F 82 35.78 17.14 12.03
C GLN F 82 36.53 16.58 13.23
N MET F 83 37.85 16.83 13.29
CA MET F 83 38.70 16.35 14.37
C MET F 83 39.16 17.55 15.18
N THR F 84 39.01 17.47 16.50
CA THR F 84 39.36 18.55 17.41
C THR F 84 40.11 17.99 18.60
N SER F 85 41.15 18.72 19.03
CA SER F 85 42.02 18.38 20.17
C SER F 85 42.65 17.00 20.02
N LEU F 86 43.10 16.70 18.81
CA LEU F 86 43.76 15.42 18.54
C LEU F 86 45.11 15.35 19.26
N ARG F 87 45.41 14.18 19.80
CA ARG F 87 46.65 13.94 20.54
C ARG F 87 47.68 13.22 19.67
N SER F 88 48.83 12.94 20.28
CA SER F 88 49.95 12.27 19.61
C SER F 88 49.63 10.87 19.09
N GLU F 89 48.56 10.24 19.58
CA GLU F 89 48.21 8.89 19.12
C GLU F 89 47.48 8.91 17.78
N ASP F 90 46.86 10.03 17.42
CA ASP F 90 45.98 10.09 16.26
C ASP F 90 46.71 10.17 14.92
N THR F 91 48.04 10.11 14.89
CA THR F 91 48.77 10.09 13.62
C THR F 91 48.65 8.69 13.00
N ALA F 92 47.91 8.62 11.89
CA ALA F 92 47.56 7.32 11.31
C ALA F 92 47.12 7.50 9.87
N MET F 93 46.84 6.38 9.21
CA MET F 93 46.30 6.37 7.86
C MET F 93 44.81 6.06 7.93
N TYR F 94 44.00 6.97 7.39
CA TYR F 94 42.55 6.93 7.53
C TYR F 94 41.90 6.45 6.24
N TYR F 95 40.92 5.55 6.39
CA TYR F 95 40.18 4.91 5.32
C TYR F 95 38.70 5.21 5.48
N CYS F 96 38.00 5.29 4.35
CA CYS F 96 36.56 5.50 4.29
C CYS F 96 35.91 4.26 3.69
N VAL F 97 34.92 3.71 4.38
CA VAL F 97 34.30 2.44 3.98
C VAL F 97 32.81 2.65 3.74
N ARG F 98 32.29 2.03 2.69
CA ARG F 98 30.83 1.96 2.50
C ARG F 98 30.31 0.62 3.01
N SER F 99 29.03 0.60 3.37
CA SER F 99 28.39 -0.61 3.87
C SER F 99 26.89 -0.49 3.69
N ILE F 100 26.25 -1.54 3.18
CA ILE F 100 24.80 -1.63 3.10
C ILE F 100 24.36 -2.85 3.90
N TYR F 101 23.22 -2.75 4.59
CA TYR F 101 22.75 -3.79 5.49
C TYR F 101 21.35 -4.22 5.12
N TYR F 102 21.23 -5.39 4.49
CA TYR F 102 19.97 -6.07 4.29
C TYR F 102 20.26 -7.56 4.19
N TYR F 103 19.22 -8.36 3.98
CA TYR F 103 19.38 -9.80 3.89
C TYR F 103 20.07 -10.14 2.56
N GLY F 104 21.31 -10.62 2.64
CA GLY F 104 22.10 -10.93 1.48
C GLY F 104 23.11 -9.86 1.10
N SER F 105 23.20 -8.79 1.88
CA SER F 105 24.12 -7.70 1.58
C SER F 105 25.55 -8.10 1.90
N SER F 106 26.49 -7.34 1.32
CA SER F 106 27.93 -7.57 1.52
C SER F 106 28.56 -6.27 1.98
N PRO F 107 28.46 -5.93 3.27
CA PRO F 107 29.08 -4.70 3.77
C PRO F 107 30.58 -4.81 3.82
N PHE F 108 31.23 -3.65 3.94
CA PHE F 108 32.69 -3.50 3.97
C PHE F 108 33.33 -4.05 2.69
N ASP F 109 32.70 -3.77 1.55
CA ASP F 109 33.16 -4.30 0.28
C ASP F 109 34.19 -3.39 -0.42
N PHE F 110 33.92 -2.09 -0.49
CA PHE F 110 34.80 -1.15 -1.14
C PHE F 110 35.49 -0.29 -0.10
N TRP F 111 36.77 0.00 -0.34
CA TRP F 111 37.62 0.72 0.60
C TRP F 111 38.23 1.94 -0.08
N GLY F 112 38.47 2.98 0.70
CA GLY F 112 39.06 4.18 0.18
C GLY F 112 40.53 4.02 -0.14
N GLN F 113 41.06 5.02 -0.87
CA GLN F 113 42.47 5.00 -1.22
C GLN F 113 43.35 5.26 0.00
N GLY F 114 42.89 6.11 0.90
CA GLY F 114 43.58 6.34 2.16
C GLY F 114 44.22 7.71 2.20
N THR F 115 44.12 8.37 3.34
CA THR F 115 44.81 9.64 3.56
C THR F 115 45.68 9.54 4.81
N THR F 116 46.71 10.37 4.87
CA THR F 116 47.65 10.32 5.97
C THR F 116 47.40 11.46 6.96
N LEU F 117 47.73 11.19 8.23
CA LEU F 117 47.65 12.21 9.27
C LEU F 117 48.89 12.08 10.13
N THR F 118 49.63 13.18 10.26
CA THR F 118 50.92 13.19 10.97
C THR F 118 50.96 14.40 11.90
N VAL F 119 50.78 14.17 13.19
CA VAL F 119 50.92 15.22 14.20
C VAL F 119 52.38 15.32 14.61
N SER F 120 52.82 16.54 14.92
CA SER F 120 54.20 16.79 15.32
C SER F 120 54.37 16.36 16.77
N ALA F 121 54.61 15.07 16.96
CA ALA F 121 54.80 14.51 18.29
C ALA F 121 56.28 14.38 18.64
N GLY F 135 37.57 -0.78 28.58
CA GLY F 135 37.47 -1.52 27.33
C GLY F 135 37.40 -3.02 27.54
N SER F 136 37.02 -3.45 28.73
CA SER F 136 36.93 -4.87 29.04
C SER F 136 35.66 -5.50 28.47
N ALA F 137 34.65 -4.70 28.14
CA ALA F 137 33.41 -5.23 27.57
C ALA F 137 33.51 -5.51 26.08
N ASP F 138 34.56 -5.03 25.42
CA ASP F 138 34.71 -5.23 23.98
C ASP F 138 35.21 -6.64 23.69
N ILE F 139 34.73 -7.18 22.57
CA ILE F 139 35.14 -8.51 22.12
C ILE F 139 36.53 -8.41 21.53
N VAL F 140 37.51 -9.03 22.18
CA VAL F 140 38.90 -8.96 21.74
C VAL F 140 39.16 -10.06 20.73
N MET F 141 39.60 -9.67 19.53
CA MET F 141 39.95 -10.61 18.48
C MET F 141 41.46 -10.82 18.49
N THR F 142 41.88 -12.08 18.53
CA THR F 142 43.29 -12.43 18.64
C THR F 142 43.61 -13.54 17.64
N GLN F 143 44.61 -13.31 16.79
CA GLN F 143 45.07 -14.30 15.85
C GLN F 143 46.26 -15.07 16.42
N ALA F 144 46.34 -16.35 16.05
CA ALA F 144 47.31 -17.25 16.67
C ALA F 144 48.73 -17.03 16.18
N THR F 145 48.91 -16.38 15.02
CA THR F 145 50.23 -16.19 14.45
C THR F 145 50.32 -14.80 13.83
N SER F 146 51.54 -14.41 13.46
CA SER F 146 51.77 -13.09 12.86
C SER F 146 52.50 -13.19 11.53
N SER F 147 53.29 -14.24 11.35
CA SER F 147 54.06 -14.42 10.12
C SER F 147 54.10 -15.89 9.74
N VAL F 148 53.67 -16.20 8.53
CA VAL F 148 53.67 -17.56 8.01
C VAL F 148 54.43 -17.60 6.69
N PRO F 149 55.57 -18.28 6.60
CA PRO F 149 56.26 -18.40 5.31
C PRO F 149 55.54 -19.37 4.39
N VAL F 150 55.15 -18.89 3.21
CA VAL F 150 54.34 -19.67 2.28
C VAL F 150 55.09 -19.79 0.95
N THR F 151 54.71 -20.80 0.18
CA THR F 151 55.19 -21.03 -1.17
C THR F 151 54.00 -21.05 -2.14
N PRO F 152 54.19 -20.59 -3.37
CA PRO F 152 53.08 -20.60 -4.34
C PRO F 152 52.76 -22.03 -4.79
N GLY F 153 51.47 -22.39 -4.69
CA GLY F 153 50.99 -23.67 -5.16
C GLY F 153 50.52 -24.63 -4.08
N GLU F 154 50.61 -24.26 -2.80
CA GLU F 154 50.21 -25.14 -1.71
C GLU F 154 48.92 -24.62 -1.07
N SER F 155 48.43 -25.39 -0.10
CA SER F 155 47.23 -25.05 0.66
C SER F 155 47.65 -24.57 2.05
N VAL F 156 47.26 -23.34 2.39
CA VAL F 156 47.68 -22.70 3.63
C VAL F 156 46.43 -22.35 4.44
N SER F 157 46.41 -22.77 5.70
CA SER F 157 45.29 -22.48 6.59
C SER F 157 45.79 -21.62 7.77
N ILE F 158 45.00 -20.60 8.09
CA ILE F 158 45.30 -19.67 9.18
C ILE F 158 44.10 -19.63 10.11
N SER F 159 44.34 -19.82 11.40
CA SER F 159 43.25 -19.90 12.37
C SER F 159 43.15 -18.57 13.12
N CYS F 160 42.13 -18.49 13.99
CA CYS F 160 41.87 -17.27 14.75
C CYS F 160 41.22 -17.66 16.08
N ARG F 161 41.06 -16.66 16.94
CA ARG F 161 40.46 -16.87 18.25
C ARG F 161 39.66 -15.63 18.63
N SER F 162 38.47 -15.84 19.18
CA SER F 162 37.59 -14.77 19.62
C SER F 162 37.35 -14.86 21.11
N SER F 163 37.03 -13.71 21.70
CA SER F 163 36.75 -13.63 23.13
C SER F 163 35.28 -13.84 23.47
N LYS F 164 34.43 -14.03 22.47
CA LYS F 164 33.00 -14.20 22.69
C LYS F 164 32.43 -14.93 21.48
N SER F 165 31.43 -15.78 21.73
CA SER F 165 30.77 -16.52 20.66
C SER F 165 29.99 -15.56 19.75
N LEU F 166 30.42 -15.48 18.49
CA LEU F 166 29.83 -14.57 17.52
C LEU F 166 28.57 -15.11 16.87
N LEU F 167 28.17 -16.34 17.19
CA LEU F 167 26.95 -16.90 16.62
C LEU F 167 25.73 -16.23 17.26
N HIS F 168 24.78 -15.84 16.42
CA HIS F 168 23.56 -15.17 16.86
C HIS F 168 22.38 -16.12 16.68
N SER F 169 21.28 -15.81 17.36
CA SER F 169 20.11 -16.69 17.39
C SER F 169 19.42 -16.81 16.03
N ASN F 170 19.62 -15.85 15.12
CA ASN F 170 19.04 -15.96 13.79
C ASN F 170 19.77 -16.94 12.88
N GLY F 171 21.01 -17.29 13.23
CA GLY F 171 21.79 -18.26 12.47
C GLY F 171 23.07 -17.71 11.89
N ASN F 172 23.24 -16.39 11.83
CA ASN F 172 24.41 -15.80 11.23
C ASN F 172 25.60 -15.84 12.18
N THR F 173 26.79 -15.58 11.63
CA THR F 173 28.01 -15.45 12.40
C THR F 173 28.82 -14.30 11.83
N TYR F 174 29.01 -13.26 12.62
CA TYR F 174 29.53 -11.98 12.11
C TYR F 174 31.06 -11.96 12.19
N LEU F 175 31.67 -12.72 11.27
CA LEU F 175 33.11 -12.75 11.10
C LEU F 175 33.43 -12.39 9.66
N TYR F 176 34.17 -11.30 9.45
CA TYR F 176 34.55 -10.88 8.11
C TYR F 176 36.06 -10.96 7.96
N TRP F 177 36.51 -11.31 6.76
CA TRP F 177 37.94 -11.43 6.44
C TRP F 177 38.36 -10.35 5.45
N PHE F 178 39.62 -9.92 5.57
CA PHE F 178 40.15 -8.85 4.75
C PHE F 178 41.60 -9.16 4.35
N LEU F 179 41.94 -8.74 3.13
CA LEU F 179 43.29 -8.84 2.57
C LEU F 179 43.82 -7.45 2.25
N GLN F 180 44.89 -7.05 2.94
CA GLN F 180 45.58 -5.80 2.64
C GLN F 180 46.92 -6.14 2.01
N ARG F 181 47.02 -5.92 0.71
CA ARG F 181 48.29 -6.07 0.02
C ARG F 181 49.22 -4.92 0.38
N PRO F 182 50.54 -5.13 0.32
CA PRO F 182 51.47 -4.03 0.60
C PRO F 182 51.41 -2.95 -0.47
N GLY F 183 51.21 -1.72 -0.03
CA GLY F 183 51.08 -0.59 -0.93
C GLY F 183 49.71 -0.42 -1.56
N GLN F 184 48.69 -1.13 -1.07
CA GLN F 184 47.35 -1.03 -1.62
C GLN F 184 46.35 -0.96 -0.47
N SER F 185 45.10 -0.68 -0.83
CA SER F 185 44.00 -0.65 0.12
C SER F 185 43.51 -2.07 0.40
N PRO F 186 42.97 -2.33 1.59
CA PRO F 186 42.39 -3.65 1.87
C PRO F 186 41.09 -3.87 1.10
N GLN F 187 40.72 -5.15 0.98
CA GLN F 187 39.51 -5.53 0.28
C GLN F 187 38.84 -6.68 1.02
N LEU F 188 37.55 -6.85 0.75
CA LEU F 188 36.76 -7.90 1.37
C LEU F 188 37.00 -9.23 0.67
N LEU F 189 37.15 -10.29 1.46
CA LEU F 189 37.28 -11.64 0.92
C LEU F 189 36.07 -12.50 1.24
N ILE F 190 35.75 -12.68 2.53
CA ILE F 190 34.67 -13.55 2.96
C ILE F 190 33.83 -12.82 4.01
N TYR F 191 32.52 -12.73 3.74
CA TYR F 191 31.56 -12.12 4.65
C TYR F 191 30.62 -13.20 5.17
N ARG F 192 30.44 -13.24 6.50
CA ARG F 192 29.59 -14.13 7.31
C ARG F 192 30.21 -15.51 7.51
N MET F 193 31.47 -15.70 7.09
CA MET F 193 32.36 -16.86 7.20
C MET F 193 31.97 -18.01 6.26
N SER F 194 30.89 -17.88 5.49
CA SER F 194 30.48 -18.91 4.55
C SER F 194 30.16 -18.39 3.15
N ASN F 195 30.31 -17.10 2.90
CA ASN F 195 29.95 -16.51 1.62
C ASN F 195 31.13 -15.74 1.05
N LEU F 196 31.43 -15.96 -0.23
CA LEU F 196 32.50 -15.26 -0.90
C LEU F 196 32.01 -13.92 -1.43
N ALA F 197 32.88 -12.91 -1.36
CA ALA F 197 32.58 -11.62 -1.95
C ALA F 197 32.72 -11.69 -3.47
N SER F 198 32.14 -10.69 -4.13
CA SER F 198 32.21 -10.64 -5.59
C SER F 198 33.59 -10.19 -6.04
N GLY F 199 34.10 -10.84 -7.09
CA GLY F 199 35.45 -10.60 -7.55
C GLY F 199 36.51 -11.43 -6.87
N VAL F 200 36.14 -12.23 -5.86
CA VAL F 200 37.08 -13.09 -5.15
C VAL F 200 37.03 -14.48 -5.78
N PRO F 201 38.18 -15.08 -6.11
CA PRO F 201 38.17 -16.44 -6.67
C PRO F 201 37.77 -17.48 -5.64
N ASP F 202 37.62 -18.71 -6.13
CA ASP F 202 37.20 -19.84 -5.30
C ASP F 202 38.37 -20.46 -4.52
N ARG F 203 39.55 -19.84 -4.56
CA ARG F 203 40.69 -20.35 -3.79
C ARG F 203 40.49 -20.12 -2.30
N PHE F 204 39.90 -18.99 -1.92
CA PHE F 204 39.68 -18.68 -0.52
C PHE F 204 38.46 -19.42 0.00
N SER F 205 38.55 -19.89 1.25
CA SER F 205 37.44 -20.58 1.89
C SER F 205 37.51 -20.36 3.38
N GLY F 206 36.36 -20.22 4.01
CA GLY F 206 36.29 -19.94 5.44
C GLY F 206 35.40 -20.91 6.16
N SER F 207 35.69 -21.12 7.44
CA SER F 207 34.90 -22.02 8.27
C SER F 207 35.09 -21.61 9.73
N GLY F 208 34.23 -22.15 10.58
CA GLY F 208 34.35 -21.83 11.99
C GLY F 208 33.45 -22.72 12.83
N SER F 209 33.57 -22.55 14.14
CA SER F 209 32.75 -23.28 15.10
C SER F 209 32.04 -22.34 16.08
N GLY F 210 32.15 -21.03 15.87
CA GLY F 210 31.59 -20.05 16.77
C GLY F 210 32.54 -19.59 17.84
N THR F 211 33.64 -20.31 18.06
CA THR F 211 34.73 -19.93 18.95
C THR F 211 36.06 -19.89 18.22
N ALA F 212 36.37 -20.94 17.47
CA ALA F 212 37.58 -21.05 16.68
C ALA F 212 37.22 -20.99 15.20
N PHE F 213 37.91 -20.11 14.48
CA PHE F 213 37.65 -19.89 13.06
C PHE F 213 38.89 -20.22 12.25
N THR F 214 38.68 -20.68 11.01
CA THR F 214 39.75 -21.07 10.10
C THR F 214 39.53 -20.42 8.74
N LEU F 215 40.64 -20.07 8.08
CA LEU F 215 40.65 -19.58 6.72
C LEU F 215 41.63 -20.42 5.93
N THR F 216 41.13 -21.18 4.94
CA THR F 216 41.95 -22.07 4.14
C THR F 216 42.07 -21.52 2.73
N ILE F 217 43.25 -21.72 2.13
CA ILE F 217 43.57 -21.25 0.79
C ILE F 217 44.15 -22.43 0.02
N SER F 218 43.37 -22.96 -0.93
CA SER F 218 43.83 -24.04 -1.80
C SER F 218 44.39 -23.44 -3.08
N ARG F 219 45.49 -24.04 -3.57
CA ARG F 219 46.21 -23.66 -4.79
C ARG F 219 46.60 -22.17 -4.80
N LEU F 220 47.18 -21.76 -3.69
CA LEU F 220 47.61 -20.37 -3.49
C LEU F 220 48.50 -19.87 -4.62
N GLU F 221 48.33 -18.60 -4.94
CA GLU F 221 49.10 -17.93 -5.98
C GLU F 221 49.91 -16.80 -5.34
N ALA F 222 50.83 -16.24 -6.12
CA ALA F 222 51.71 -15.17 -5.63
C ALA F 222 50.97 -13.84 -5.44
N GLU F 223 49.80 -13.67 -6.07
CA GLU F 223 49.03 -12.45 -5.88
C GLU F 223 48.41 -12.40 -4.49
N ASP F 224 48.11 -13.55 -3.89
CA ASP F 224 47.45 -13.65 -2.59
C ASP F 224 48.35 -13.28 -1.39
N VAL F 225 49.56 -12.76 -1.57
CA VAL F 225 50.38 -12.37 -0.44
C VAL F 225 49.87 -11.05 0.12
N GLY F 226 49.95 -10.90 1.43
CA GLY F 226 49.46 -9.71 2.09
C GLY F 226 49.21 -9.98 3.56
N VAL F 227 48.49 -9.05 4.19
CA VAL F 227 48.16 -9.13 5.61
C VAL F 227 46.67 -9.42 5.73
N TYR F 228 46.34 -10.44 6.52
CA TYR F 228 44.97 -10.90 6.70
C TYR F 228 44.42 -10.35 8.01
N TYR F 229 43.32 -9.61 7.92
CA TYR F 229 42.63 -9.06 9.09
C TYR F 229 41.27 -9.73 9.24
N CYS F 230 40.90 -10.04 10.48
CA CYS F 230 39.57 -10.52 10.78
C CYS F 230 38.76 -9.40 11.42
N MET F 231 37.45 -9.64 11.55
CA MET F 231 36.60 -8.62 12.15
C MET F 231 35.37 -9.29 12.74
N GLN F 232 34.98 -8.84 13.92
CA GLN F 232 33.68 -9.14 14.50
C GLN F 232 32.73 -7.97 14.26
N HIS F 233 31.45 -8.29 14.06
CA HIS F 233 30.44 -7.28 13.85
C HIS F 233 29.20 -7.55 14.72
N LEU F 234 29.38 -8.29 15.82
CA LEU F 234 28.24 -8.62 16.68
C LEU F 234 27.77 -7.42 17.49
N GLU F 235 28.70 -6.56 17.91
CA GLU F 235 28.34 -5.41 18.74
C GLU F 235 29.37 -4.30 18.53
N TYR F 236 28.90 -3.06 18.66
CA TYR F 236 29.71 -1.85 18.55
C TYR F 236 30.37 -1.52 19.89
N PRO F 237 31.64 -1.09 19.91
CA PRO F 237 32.54 -0.78 18.80
C PRO F 237 33.14 -2.00 18.10
N LEU F 238 33.66 -1.78 16.89
CA LEU F 238 34.19 -2.86 16.06
C LEU F 238 35.67 -3.02 16.35
N THR F 239 36.04 -4.14 16.97
CA THR F 239 37.44 -4.44 17.26
C THR F 239 38.01 -5.32 16.16
N PHE F 240 39.21 -4.99 15.72
CA PHE F 240 39.82 -5.62 14.56
C PHE F 240 40.94 -6.56 15.00
N GLY F 241 41.33 -7.46 14.09
CA GLY F 241 42.38 -8.41 14.38
C GLY F 241 43.76 -7.79 14.34
N ALA F 242 44.75 -8.58 14.77
CA ALA F 242 46.12 -8.10 14.80
C ALA F 242 46.76 -8.13 13.41
N GLY F 243 46.33 -9.05 12.54
CA GLY F 243 46.87 -9.10 11.19
C GLY F 243 47.94 -10.18 11.02
N THR F 244 47.68 -11.12 10.13
CA THR F 244 48.63 -12.19 9.82
C THR F 244 49.30 -11.89 8.49
N LYS F 245 50.59 -11.58 8.51
CA LYS F 245 51.33 -11.21 7.32
C LYS F 245 51.93 -12.46 6.67
N LEU F 246 51.76 -12.58 5.35
CA LEU F 246 52.36 -13.67 4.59
C LEU F 246 53.63 -13.19 3.90
N GLU F 247 54.56 -14.11 3.70
CA GLU F 247 55.84 -13.80 3.07
C GLU F 247 56.24 -14.94 2.16
N LEU F 248 56.98 -14.60 1.11
CA LEU F 248 57.43 -15.59 0.12
C LEU F 248 58.73 -16.25 0.57
#